data_7ARW
#
_entry.id   7ARW
#
_cell.length_a   44.746
_cell.length_b   66.112
_cell.length_c   70.055
_cell.angle_alpha   115.800
_cell.angle_beta   94.980
_cell.angle_gamma   104.070
#
_symmetry.space_group_name_H-M   'P 1'
#
loop_
_entity.id
_entity.type
_entity.pdbx_description
1 polymer 'ADP-ribose glycohydrolase ARH3'
2 non-polymer 'MAGNESIUM ION'
3 non-polymer 'alpha-Diphosphopyridine nucleotide'
4 non-polymer 1,2-ETHANEDIOL
5 non-polymer 'ACETATE ION'
6 water water
#
_entity_poly.entity_id   1
_entity_poly.type   'polypeptide(L)'
_entity_poly.pdbx_seq_one_letter_code
;GPGSSLSRFRGCLAGALLGDCVGSFYAAHDTVDLTSVLRHVQSLEPDPGTPGSERTEALYYTDDTAMARALVQSLLAKEA
FDEVDMAHRFAQEYKKDPDRGYGAGVVTVFKKLLNPKCRDVFEPARAQFNGKGSYGNGGAMRVAGISLAYSSVQDVQKFA
RLSAQLTHASSLGYNGAILQALAVHLALQGESSSEHFLKQLLGHMEDLEGDAQSVLDARELGMEERPYSSRLKKIGELLD
QASVTREEVVSELGNGIAAFESVPTAIYCFLRCMEPDPEIPSAFNSLQRTLIYSISLGGDTDTIATMAGAIAGAYYGMDQ
VPESWQQSCEGYEETDILAQSLHRVFQKS
;
_entity_poly.pdbx_strand_id   A,B
#
# COMPACT_ATOMS: atom_id res chain seq x y z
N SER A 4 -14.65 28.60 -9.82
CA SER A 4 -15.05 29.32 -8.61
C SER A 4 -14.02 29.13 -7.50
N SER A 5 -14.08 30.01 -6.50
CA SER A 5 -13.20 29.85 -5.35
CA SER A 5 -13.23 29.87 -5.33
C SER A 5 -13.49 28.55 -4.62
N LEU A 6 -14.78 28.17 -4.51
CA LEU A 6 -15.11 26.88 -3.88
C LEU A 6 -14.45 25.73 -4.62
N SER A 7 -14.53 25.74 -5.96
CA SER A 7 -13.90 24.69 -6.74
C SER A 7 -12.40 24.64 -6.51
N ARG A 8 -11.76 25.81 -6.37
CA ARG A 8 -10.32 25.83 -6.14
C ARG A 8 -9.96 25.36 -4.74
N PHE A 9 -10.78 25.70 -3.74
CA PHE A 9 -10.54 25.20 -2.39
C PHE A 9 -10.63 23.68 -2.35
N ARG A 10 -11.69 23.14 -2.92
CA ARG A 10 -11.88 21.70 -2.97
C ARG A 10 -10.78 21.04 -3.78
N GLY A 11 -10.42 21.63 -4.92
CA GLY A 11 -9.36 21.06 -5.75
C GLY A 11 -8.01 21.05 -5.05
N CYS A 12 -7.72 22.11 -4.29
CA CYS A 12 -6.43 22.20 -3.59
C CYS A 12 -6.29 21.04 -2.60
N LEU A 13 -7.28 20.85 -1.73
CA LEU A 13 -7.14 19.81 -0.72
C LEU A 13 -7.24 18.41 -1.34
N ALA A 14 -8.06 18.25 -2.39
CA ALA A 14 -8.10 16.96 -3.07
C ALA A 14 -6.78 16.67 -3.78
N GLY A 15 -6.19 17.70 -4.40
CA GLY A 15 -4.90 17.50 -5.05
C GLY A 15 -3.81 17.13 -4.09
N ALA A 16 -3.79 17.77 -2.92
CA ALA A 16 -2.83 17.40 -1.88
C ALA A 16 -3.05 15.95 -1.43
N LEU A 17 -4.31 15.56 -1.22
CA LEU A 17 -4.61 14.20 -0.82
C LEU A 17 -4.17 13.20 -1.89
N LEU A 18 -4.47 13.50 -3.16
CA LEU A 18 -4.03 12.64 -4.26
C LEU A 18 -2.51 12.49 -4.27
N GLY A 19 -1.79 13.60 -4.13
CA GLY A 19 -0.34 13.50 -4.14
C GLY A 19 0.19 12.60 -3.04
N ASP A 20 -0.36 12.76 -1.83
CA ASP A 20 0.08 11.92 -0.71
C ASP A 20 -0.28 10.45 -0.97
N CYS A 21 -1.53 10.19 -1.33
CA CYS A 21 -1.98 8.80 -1.47
C CYS A 21 -1.34 8.13 -2.67
N VAL A 22 -1.37 8.78 -3.84
CA VAL A 22 -0.78 8.16 -5.03
C VAL A 22 0.73 8.11 -4.90
N GLY A 23 1.33 9.19 -4.39
CA GLY A 23 2.78 9.17 -4.17
C GLY A 23 3.22 8.06 -3.24
N SER A 24 2.49 7.85 -2.13
CA SER A 24 2.87 6.80 -1.19
CA SER A 24 2.87 6.80 -1.19
CA SER A 24 2.89 6.81 -1.19
C SER A 24 2.67 5.41 -1.77
N PHE A 25 1.66 5.24 -2.62
CA PHE A 25 1.47 3.95 -3.28
C PHE A 25 2.72 3.57 -4.07
N TYR A 26 3.22 4.52 -4.88
CA TYR A 26 4.37 4.18 -5.71
C TYR A 26 5.64 4.07 -4.90
N ALA A 27 5.78 4.88 -3.84
CA ALA A 27 6.96 4.79 -3.00
C ALA A 27 7.10 3.41 -2.34
N ALA A 28 5.96 2.80 -1.97
CA ALA A 28 5.98 1.50 -1.30
C ALA A 28 6.12 0.35 -2.28
N HIS A 29 5.69 0.55 -3.52
CA HIS A 29 5.83 -0.47 -4.55
C HIS A 29 7.16 -0.37 -5.28
N ASP A 30 8.04 0.52 -4.83
CA ASP A 30 9.37 0.70 -5.45
C ASP A 30 9.24 0.97 -6.94
N THR A 31 8.28 1.80 -7.30
CA THR A 31 7.96 2.14 -8.69
C THR A 31 8.06 3.66 -8.79
N VAL A 32 9.20 4.16 -9.25
CA VAL A 32 9.46 5.60 -9.21
C VAL A 32 9.90 6.15 -10.57
N ASP A 33 10.15 5.26 -11.53
CA ASP A 33 10.46 5.73 -12.88
C ASP A 33 9.19 5.87 -13.69
N LEU A 34 9.22 6.78 -14.66
CA LEU A 34 8.01 7.22 -15.35
C LEU A 34 7.29 6.05 -16.03
N THR A 35 8.03 5.21 -16.75
CA THR A 35 7.39 4.12 -17.47
C THR A 35 6.63 3.20 -16.53
N SER A 36 7.17 2.96 -15.33
CA SER A 36 6.50 2.07 -14.40
C SER A 36 5.31 2.75 -13.73
N VAL A 37 5.41 4.04 -13.45
CA VAL A 37 4.25 4.79 -12.99
C VAL A 37 3.11 4.69 -14.00
N LEU A 38 3.40 4.97 -15.27
CA LEU A 38 2.36 4.91 -16.29
C LEU A 38 1.82 3.50 -16.44
N ARG A 39 2.67 2.49 -16.26
CA ARG A 39 2.27 1.11 -16.40
C ARG A 39 1.24 0.70 -15.36
N HIS A 40 1.26 1.34 -14.19
CA HIS A 40 0.45 0.92 -13.05
C HIS A 40 -0.65 1.91 -12.67
N VAL A 41 -0.90 2.93 -13.50
CA VAL A 41 -1.98 3.86 -13.21
C VAL A 41 -3.32 3.16 -13.00
N GLN A 42 -3.50 1.96 -13.59
CA GLN A 42 -4.74 1.21 -13.38
C GLN A 42 -4.92 0.81 -11.93
N SER A 43 -3.83 0.67 -11.18
CA SER A 43 -3.92 0.36 -9.76
C SER A 43 -4.53 1.49 -8.94
N LEU A 44 -4.61 2.69 -9.52
CA LEU A 44 -5.30 3.82 -8.88
C LEU A 44 -6.80 3.80 -9.16
N GLU A 45 -7.29 2.75 -9.82
CA GLU A 45 -8.68 2.56 -10.21
C GLU A 45 -9.22 3.73 -11.03
N PRO A 46 -8.72 3.96 -12.26
CA PRO A 46 -9.24 5.02 -13.11
C PRO A 46 -10.64 4.73 -13.66
N THR A 56 -14.04 1.32 -3.21
CA THR A 56 -13.52 1.46 -1.85
C THR A 56 -12.27 2.33 -1.84
N GLU A 57 -11.88 2.81 -0.66
CA GLU A 57 -10.79 3.78 -0.53
C GLU A 57 -9.46 3.07 -0.28
N ALA A 58 -8.86 2.62 -1.37
CA ALA A 58 -7.78 1.65 -1.32
C ALA A 58 -6.42 2.27 -1.04
N LEU A 59 -6.27 3.58 -1.15
CA LEU A 59 -4.97 4.23 -1.02
C LEU A 59 -4.94 5.00 0.28
N TYR A 60 -4.08 4.56 1.20
CA TYR A 60 -3.96 5.20 2.50
C TYR A 60 -3.15 6.48 2.43
N TYR A 61 -3.55 7.45 3.24
CA TYR A 61 -2.74 8.66 3.35
C TYR A 61 -1.64 8.49 4.40
N THR A 62 -0.74 9.46 4.46
CA THR A 62 0.37 9.36 5.41
C THR A 62 0.38 10.55 6.36
N ASP A 63 1.51 10.76 7.03
CA ASP A 63 1.64 11.89 7.95
C ASP A 63 1.35 13.23 7.27
N ASP A 64 1.65 13.34 5.96
CA ASP A 64 1.38 14.60 5.25
C ASP A 64 -0.07 15.01 5.43
N THR A 65 -1.00 14.10 5.13
CA THR A 65 -2.42 14.40 5.22
C THR A 65 -2.88 14.44 6.68
N ALA A 66 -2.34 13.55 7.52
CA ALA A 66 -2.72 13.56 8.92
C ALA A 66 -2.47 14.93 9.54
N MET A 67 -1.31 15.52 9.26
CA MET A 67 -1.01 16.83 9.82
C MET A 67 -1.79 17.94 9.12
N ALA A 68 -1.96 17.81 7.80
CA ALA A 68 -2.75 18.79 7.06
C ALA A 68 -4.17 18.86 7.60
N ARG A 69 -4.77 17.70 7.90
CA ARG A 69 -6.12 17.67 8.45
C ARG A 69 -6.16 18.34 9.81
N ALA A 70 -5.20 18.03 10.68
CA ALA A 70 -5.16 18.63 12.01
C ALA A 70 -4.99 20.13 11.93
N LEU A 71 -4.14 20.62 11.02
CA LEU A 71 -3.96 22.05 10.87
C LEU A 71 -5.29 22.72 10.49
N VAL A 72 -5.99 22.16 9.51
CA VAL A 72 -7.26 22.71 9.05
C VAL A 72 -8.32 22.63 10.15
N GLN A 73 -8.38 21.51 10.86
CA GLN A 73 -9.37 21.38 11.92
C GLN A 73 -9.11 22.38 13.04
N SER A 74 -7.85 22.72 13.30
CA SER A 74 -7.57 23.74 14.30
C SER A 74 -8.07 25.10 13.84
N LEU A 75 -7.80 25.47 12.58
CA LEU A 75 -8.24 26.76 12.08
C LEU A 75 -9.77 26.86 12.09
N LEU A 76 -10.45 25.77 11.74
CA LEU A 76 -11.90 25.79 11.76
C LEU A 76 -12.44 25.85 13.18
N ALA A 77 -11.80 25.15 14.12
CA ALA A 77 -12.30 25.10 15.49
C ALA A 77 -12.26 26.47 16.15
N LYS A 78 -11.20 27.24 15.88
CA LYS A 78 -11.02 28.53 16.50
C LYS A 78 -11.35 29.69 15.56
N GLU A 79 -11.58 29.41 14.28
CA GLU A 79 -11.79 30.44 13.27
C GLU A 79 -10.65 31.45 13.27
N ALA A 80 -9.45 30.96 13.59
CA ALA A 80 -8.27 31.78 13.78
C ALA A 80 -7.12 30.82 14.09
N PHE A 81 -5.91 31.37 14.10
CA PHE A 81 -4.74 30.63 14.51
C PHE A 81 -4.60 30.68 16.01
N ASP A 82 -4.51 29.49 16.62
CA ASP A 82 -4.31 29.31 18.05
C ASP A 82 -3.23 28.26 18.19
N GLU A 83 -2.02 28.69 18.59
CA GLU A 83 -0.88 27.78 18.60
C GLU A 83 -1.06 26.64 19.60
N VAL A 84 -1.72 26.89 20.72
CA VAL A 84 -1.94 25.82 21.68
C VAL A 84 -2.89 24.78 21.11
N ASP A 85 -4.00 25.24 20.53
CA ASP A 85 -4.95 24.31 19.92
C ASP A 85 -4.31 23.51 18.79
N MET A 86 -3.57 24.19 17.91
CA MET A 86 -2.97 23.47 16.79
C MET A 86 -1.90 22.50 17.25
N ALA A 87 -1.04 22.91 18.18
CA ALA A 87 -0.01 22.02 18.68
C ALA A 87 -0.62 20.79 19.33
N HIS A 88 -1.68 20.98 20.10
CA HIS A 88 -2.32 19.85 20.76
C HIS A 88 -3.01 18.95 19.75
N ARG A 89 -3.57 19.52 18.68
CA ARG A 89 -4.16 18.68 17.64
C ARG A 89 -3.10 17.86 16.92
N PHE A 90 -1.93 18.45 16.64
CA PHE A 90 -0.84 17.68 16.06
C PHE A 90 -0.42 16.55 16.98
N ALA A 91 -0.23 16.86 18.27
CA ALA A 91 0.29 15.85 19.18
C ALA A 91 -0.74 14.77 19.43
N GLN A 92 -2.02 15.15 19.55
CA GLN A 92 -3.06 14.15 19.75
C GLN A 92 -3.24 13.26 18.52
N GLU A 93 -3.09 13.82 17.31
CA GLU A 93 -3.19 12.97 16.13
C GLU A 93 -2.03 11.98 16.08
N TYR A 94 -0.81 12.45 16.39
CA TYR A 94 0.31 11.53 16.52
C TYR A 94 0.03 10.44 17.55
N LYS A 95 -0.45 10.82 18.73
CA LYS A 95 -0.71 9.84 19.78
C LYS A 95 -1.74 8.80 19.33
N LYS A 96 -2.76 9.25 18.60
CA LYS A 96 -3.82 8.35 18.13
C LYS A 96 -3.29 7.39 17.07
N ASP A 97 -2.45 7.88 16.16
CA ASP A 97 -1.92 7.06 15.07
C ASP A 97 -0.48 7.44 14.79
N PRO A 98 0.46 6.88 15.56
CA PRO A 98 1.87 7.26 15.40
C PRO A 98 2.54 6.57 14.22
N ASP A 99 1.81 5.76 13.46
CA ASP A 99 2.41 4.90 12.45
C ASP A 99 2.14 5.37 11.02
N ARG A 100 1.81 6.65 10.85
CA ARG A 100 1.50 7.17 9.52
C ARG A 100 2.74 7.49 8.69
N GLY A 101 3.93 7.43 9.27
CA GLY A 101 5.15 7.68 8.51
C GLY A 101 5.83 9.00 8.84
N TYR A 102 5.70 9.44 10.09
CA TYR A 102 6.29 10.69 10.54
C TYR A 102 7.82 10.65 10.45
N GLY A 103 8.41 11.84 10.30
CA GLY A 103 9.85 11.95 10.37
C GLY A 103 10.40 11.50 11.70
N ALA A 104 11.63 11.00 11.68
CA ALA A 104 12.21 10.43 12.90
C ALA A 104 12.45 11.48 13.98
N GLY A 105 12.78 12.70 13.59
CA GLY A 105 13.04 13.73 14.58
C GLY A 105 11.79 14.37 15.15
N VAL A 106 10.78 14.62 14.30
CA VAL A 106 9.61 15.37 14.74
C VAL A 106 8.85 14.65 15.85
N VAL A 107 8.96 13.32 15.94
CA VAL A 107 8.25 12.63 17.01
C VAL A 107 8.66 13.14 18.40
N THR A 108 9.88 13.66 18.53
CA THR A 108 10.30 14.24 19.81
C THR A 108 9.47 15.46 20.16
N VAL A 109 9.13 16.28 19.17
CA VAL A 109 8.26 17.43 19.39
C VAL A 109 6.91 16.98 19.93
N PHE A 110 6.29 15.98 19.28
CA PHE A 110 4.98 15.51 19.73
C PHE A 110 5.05 14.98 21.15
N LYS A 111 6.07 14.19 21.45
CA LYS A 111 6.20 13.62 22.80
C LYS A 111 6.36 14.72 23.84
N LYS A 112 7.08 15.79 23.49
CA LYS A 112 7.23 16.89 24.44
C LYS A 112 5.91 17.65 24.62
N LEU A 113 5.18 17.86 23.52
CA LEU A 113 3.90 18.57 23.61
C LEU A 113 2.87 17.79 24.41
N LEU A 114 2.98 16.45 24.40
CA LEU A 114 2.07 15.60 25.16
C LEU A 114 2.39 15.58 26.64
N ASN A 115 3.55 16.08 27.04
CA ASN A 115 3.88 16.16 28.45
C ASN A 115 3.02 17.22 29.12
N PRO A 116 2.32 16.90 30.20
CA PRO A 116 1.50 17.93 30.87
C PRO A 116 2.30 19.10 31.38
N LYS A 117 3.59 18.92 31.65
CA LYS A 117 4.42 20.02 32.13
C LYS A 117 4.73 21.05 31.05
N CYS A 118 4.51 20.72 29.78
CA CYS A 118 4.84 21.65 28.71
C CYS A 118 4.06 22.95 28.86
N ARG A 119 4.78 24.07 28.89
CA ARG A 119 4.18 25.38 29.11
C ARG A 119 4.28 26.30 27.90
N ASP A 120 5.04 25.91 26.87
CA ASP A 120 5.30 26.77 25.73
C ASP A 120 5.34 25.84 24.52
N VAL A 121 4.31 25.92 23.67
CA VAL A 121 4.19 24.95 22.54
C VAL A 121 5.23 25.17 21.45
N PHE A 122 6.00 26.26 21.50
CA PHE A 122 7.01 26.52 20.44
C PHE A 122 8.40 26.08 20.89
N GLU A 123 8.59 25.81 22.19
CA GLU A 123 9.95 25.46 22.70
C GLU A 123 10.44 24.12 22.14
N PRO A 124 9.64 23.03 22.11
CA PRO A 124 10.12 21.75 21.59
C PRO A 124 10.73 21.87 20.19
N ALA A 125 10.07 22.58 19.28
CA ALA A 125 10.63 22.73 17.93
C ALA A 125 11.96 23.47 17.95
N ARG A 126 12.09 24.47 18.84
CA ARG A 126 13.34 25.22 18.90
C ARG A 126 14.49 24.37 19.42
N ALA A 127 14.19 23.34 20.24
CA ALA A 127 15.24 22.50 20.80
C ALA A 127 15.73 21.42 19.85
N GLN A 128 15.00 21.18 18.76
CA GLN A 128 15.34 20.12 17.82
C GLN A 128 16.74 20.33 17.26
N PHE A 129 17.47 19.22 17.11
CA PHE A 129 18.78 19.20 16.45
C PHE A 129 19.74 20.21 17.07
N ASN A 130 19.99 20.01 18.36
CA ASN A 130 20.93 20.81 19.13
C ASN A 130 20.56 22.30 19.10
N GLY A 131 19.26 22.57 19.08
CA GLY A 131 18.78 23.93 19.16
C GLY A 131 18.75 24.68 17.85
N LYS A 132 19.04 24.02 16.74
CA LYS A 132 19.02 24.68 15.44
C LYS A 132 17.67 24.54 14.72
N GLY A 133 16.86 23.56 15.09
CA GLY A 133 15.57 23.37 14.44
C GLY A 133 15.65 22.43 13.25
N SER A 134 14.55 21.76 12.98
CA SER A 134 14.48 20.90 11.81
C SER A 134 14.42 21.71 10.52
N TYR A 135 15.14 21.22 9.50
CA TYR A 135 15.02 21.73 8.14
C TYR A 135 14.19 20.82 7.25
N GLY A 136 13.48 19.85 7.83
CA GLY A 136 12.68 18.94 7.04
C GLY A 136 11.50 19.64 6.38
N ASN A 137 10.85 18.91 5.47
CA ASN A 137 9.73 19.47 4.72
C ASN A 137 8.39 19.31 5.42
N GLY A 138 8.37 18.88 6.69
CA GLY A 138 7.11 18.62 7.37
C GLY A 138 6.29 19.86 7.64
N GLY A 139 6.94 21.02 7.81
CA GLY A 139 6.17 22.25 7.95
C GLY A 139 5.45 22.66 6.67
N ALA A 140 6.05 22.36 5.53
CA ALA A 140 5.47 22.72 4.24
C ALA A 140 4.48 21.69 3.74
N MET A 141 4.66 20.41 4.10
CA MET A 141 3.82 19.34 3.56
C MET A 141 2.36 19.51 3.96
N ARG A 142 2.10 20.25 5.03
CA ARG A 142 0.79 20.35 5.64
C ARG A 142 0.20 21.75 5.53
N VAL A 143 0.90 22.68 4.88
CA VAL A 143 0.61 24.11 5.05
C VAL A 143 -0.49 24.63 4.13
N ALA A 144 -0.93 23.85 3.13
CA ALA A 144 -1.82 24.41 2.11
C ALA A 144 -3.06 25.06 2.70
N GLY A 145 -3.62 24.47 3.78
CA GLY A 145 -4.82 25.03 4.37
C GLY A 145 -4.68 26.45 4.85
N ILE A 146 -3.45 26.86 5.22
CA ILE A 146 -3.20 28.26 5.59
C ILE A 146 -3.68 29.19 4.48
N SER A 147 -3.40 28.84 3.23
CA SER A 147 -3.74 29.73 2.12
C SER A 147 -5.21 29.69 1.75
N LEU A 148 -5.95 28.72 2.29
CA LEU A 148 -7.40 28.73 2.17
CA LEU A 148 -7.41 28.71 2.17
C LEU A 148 -8.06 29.54 3.27
N ALA A 149 -7.47 29.53 4.47
CA ALA A 149 -8.01 30.29 5.59
C ALA A 149 -7.72 31.77 5.50
N TYR A 150 -6.60 32.14 4.89
CA TYR A 150 -6.10 33.52 4.91
C TYR A 150 -5.93 33.98 3.47
N SER A 151 -6.73 34.97 3.06
CA SER A 151 -6.68 35.41 1.67
C SER A 151 -5.59 36.44 1.42
N SER A 152 -5.14 37.18 2.43
CA SER A 152 -4.14 38.21 2.22
C SER A 152 -2.74 37.62 2.27
N VAL A 153 -1.87 38.10 1.38
CA VAL A 153 -0.52 37.58 1.31
C VAL A 153 0.25 37.78 2.62
N GLN A 154 0.02 38.91 3.32
CA GLN A 154 0.71 39.12 4.59
C GLN A 154 0.31 38.06 5.61
N ASP A 155 -0.96 37.67 5.63
CA ASP A 155 -1.41 36.67 6.58
C ASP A 155 -0.93 35.28 6.19
N VAL A 156 -0.90 34.98 4.89
CA VAL A 156 -0.34 33.71 4.43
C VAL A 156 1.07 33.52 4.98
N GLN A 157 1.93 34.52 4.83
CA GLN A 157 3.30 34.36 5.30
C GLN A 157 3.34 34.26 6.81
N LYS A 158 2.57 35.12 7.49
CA LYS A 158 2.55 35.13 8.95
C LYS A 158 2.17 33.77 9.52
N PHE A 159 1.10 33.17 9.01
CA PHE A 159 0.60 31.95 9.62
C PHE A 159 1.19 30.70 9.02
N ALA A 160 1.69 30.75 7.78
CA ALA A 160 2.55 29.66 7.33
C ALA A 160 3.76 29.56 8.23
N ARG A 161 4.38 30.69 8.57
CA ARG A 161 5.53 30.67 9.45
C ARG A 161 5.18 30.11 10.83
N LEU A 162 4.14 30.68 11.47
CA LEU A 162 3.76 30.25 12.82
C LEU A 162 3.39 28.78 12.87
N SER A 163 2.55 28.33 11.93
CA SER A 163 2.16 26.93 11.94
C SER A 163 3.36 26.02 11.72
N ALA A 164 4.29 26.42 10.84
CA ALA A 164 5.47 25.59 10.62
C ALA A 164 6.34 25.53 11.86
N GLN A 165 6.49 26.65 12.57
CA GLN A 165 7.35 26.72 13.73
C GLN A 165 6.90 25.84 14.88
N LEU A 166 5.67 25.31 14.86
CA LEU A 166 5.28 24.34 15.88
C LEU A 166 6.13 23.08 15.81
N THR A 167 6.71 22.78 14.65
CA THR A 167 7.60 21.63 14.49
C THR A 167 8.93 21.98 13.85
N HIS A 168 9.02 23.10 13.14
CA HIS A 168 10.16 23.42 12.27
C HIS A 168 10.63 24.83 12.55
N ALA A 169 11.64 24.93 13.41
CA ALA A 169 12.11 26.21 13.91
C ALA A 169 13.26 26.81 13.09
N SER A 170 13.91 26.02 12.24
CA SER A 170 14.96 26.58 11.40
C SER A 170 14.34 27.40 10.28
N SER A 171 15.08 28.41 9.83
CA SER A 171 14.58 29.23 8.73
C SER A 171 14.41 28.42 7.45
N LEU A 172 15.27 27.43 7.21
CA LEU A 172 15.06 26.58 6.05
C LEU A 172 13.72 25.87 6.15
N GLY A 173 13.38 25.41 7.35
CA GLY A 173 12.10 24.74 7.55
C GLY A 173 10.91 25.66 7.40
N TYR A 174 10.91 26.79 8.12
CA TYR A 174 9.72 27.63 8.04
C TYR A 174 9.64 28.45 6.75
N ASN A 175 10.78 28.84 6.17
CA ASN A 175 10.70 29.55 4.90
C ASN A 175 10.29 28.64 3.77
N GLY A 176 10.60 27.34 3.88
CA GLY A 176 10.05 26.38 2.94
C GLY A 176 8.55 26.30 3.02
N ALA A 177 8.01 26.32 4.25
CA ALA A 177 6.57 26.32 4.43
C ALA A 177 5.94 27.60 3.90
N ILE A 178 6.57 28.76 4.13
CA ILE A 178 6.06 30.01 3.58
C ILE A 178 6.03 29.95 2.07
N LEU A 179 7.10 29.45 1.45
CA LEU A 179 7.15 29.38 -0.01
C LEU A 179 6.04 28.51 -0.55
N GLN A 180 5.81 27.34 0.05
CA GLN A 180 4.74 26.47 -0.38
C GLN A 180 3.38 27.13 -0.20
N ALA A 181 3.17 27.79 0.95
CA ALA A 181 1.89 28.47 1.17
C ALA A 181 1.69 29.61 0.17
N LEU A 182 2.76 30.34 -0.16
CA LEU A 182 2.65 31.40 -1.16
C LEU A 182 2.27 30.83 -2.53
N ALA A 183 2.85 29.68 -2.89
CA ALA A 183 2.51 29.06 -4.17
C ALA A 183 1.04 28.67 -4.20
N VAL A 184 0.52 28.09 -3.12
CA VAL A 184 -0.90 27.77 -3.09
C VAL A 184 -1.74 29.04 -3.19
N HIS A 185 -1.35 30.07 -2.42
CA HIS A 185 -2.04 31.35 -2.48
C HIS A 185 -2.11 31.89 -3.91
N LEU A 186 -0.98 31.89 -4.61
CA LEU A 186 -0.96 32.40 -5.96
CA LEU A 186 -0.96 32.40 -5.96
C LEU A 186 -1.82 31.56 -6.89
N ALA A 187 -1.77 30.23 -6.73
CA ALA A 187 -2.57 29.35 -7.57
C ALA A 187 -4.06 29.62 -7.41
N LEU A 188 -4.50 29.99 -6.20
CA LEU A 188 -5.91 30.32 -5.97
C LEU A 188 -6.36 31.54 -6.75
N GLN A 189 -5.43 32.37 -7.22
CA GLN A 189 -5.79 33.56 -7.98
CA GLN A 189 -5.78 33.56 -7.99
C GLN A 189 -6.08 33.26 -9.45
N GLY A 190 -5.92 32.01 -9.88
CA GLY A 190 -6.32 31.63 -11.22
C GLY A 190 -5.21 31.79 -12.25
N GLU A 191 -5.65 31.92 -13.50
CA GLU A 191 -4.77 31.76 -14.65
C GLU A 191 -3.55 32.67 -14.58
N SER A 192 -2.40 32.13 -14.96
CA SER A 192 -1.14 32.85 -14.91
C SER A 192 -0.17 32.23 -15.90
N SER A 193 0.76 33.03 -16.41
CA SER A 193 1.93 32.44 -17.05
C SER A 193 2.80 31.80 -15.98
N SER A 194 3.59 30.79 -16.38
CA SER A 194 4.60 30.26 -15.46
C SER A 194 5.57 31.35 -15.03
N GLU A 195 5.95 32.21 -15.98
CA GLU A 195 6.92 33.25 -15.70
C GLU A 195 6.42 34.19 -14.61
N HIS A 196 5.16 34.63 -14.72
CA HIS A 196 4.63 35.56 -13.74
C HIS A 196 4.50 34.89 -12.38
N PHE A 197 4.05 33.64 -12.36
CA PHE A 197 3.94 32.89 -11.11
C PHE A 197 5.29 32.79 -10.41
N LEU A 198 6.32 32.38 -11.14
CA LEU A 198 7.65 32.23 -10.57
C LEU A 198 8.19 33.57 -10.10
N LYS A 199 8.01 34.62 -10.89
CA LYS A 199 8.52 35.93 -10.51
C LYS A 199 7.88 36.43 -9.22
N GLN A 200 6.58 36.20 -9.05
CA GLN A 200 5.95 36.63 -7.81
CA GLN A 200 5.93 36.62 -7.81
C GLN A 200 6.54 35.90 -6.62
N LEU A 201 6.76 34.59 -6.73
CA LEU A 201 7.34 33.84 -5.63
C LEU A 201 8.77 34.32 -5.35
N LEU A 202 9.55 34.56 -6.41
CA LEU A 202 10.91 35.01 -6.24
C LEU A 202 10.94 36.36 -5.52
N GLY A 203 10.05 37.27 -5.91
CA GLY A 203 10.01 38.56 -5.24
C GLY A 203 9.74 38.44 -3.75
N HIS A 204 8.84 37.53 -3.38
CA HIS A 204 8.56 37.36 -1.95
C HIS A 204 9.74 36.74 -1.22
N MET A 205 10.40 35.76 -1.83
CA MET A 205 11.52 35.12 -1.14
C MET A 205 12.74 36.03 -1.05
N GLU A 206 12.98 36.86 -2.06
CA GLU A 206 14.04 37.85 -1.98
C GLU A 206 13.80 38.83 -0.83
N ASP A 207 12.54 39.23 -0.63
CA ASP A 207 12.23 40.13 0.48
C ASP A 207 12.49 39.46 1.82
N LEU A 208 12.14 38.18 1.93
CA LEU A 208 12.28 37.47 3.20
C LEU A 208 13.72 37.06 3.47
N GLU A 209 14.49 36.72 2.43
CA GLU A 209 15.86 36.27 2.61
C GLU A 209 16.87 37.39 2.51
N GLY A 210 16.48 38.54 1.98
CA GLY A 210 17.30 39.73 2.03
C GLY A 210 17.19 40.54 3.31
N ASP A 211 16.32 40.15 4.25
CA ASP A 211 16.18 40.90 5.49
C ASP A 211 17.46 40.82 6.31
N ALA A 212 17.75 41.91 7.02
CA ALA A 212 19.08 42.07 7.63
C ALA A 212 19.38 40.97 8.63
N GLN A 213 18.46 40.72 9.57
CA GLN A 213 18.67 39.67 10.57
C GLN A 213 18.73 38.28 9.94
N SER A 214 18.15 38.11 8.75
CA SER A 214 18.14 36.78 8.12
C SER A 214 19.46 36.48 7.42
N VAL A 215 19.97 37.44 6.63
CA VAL A 215 21.23 37.18 5.93
C VAL A 215 22.42 37.22 6.87
N LEU A 216 22.28 37.88 8.03
CA LEU A 216 23.33 37.79 9.04
C LEU A 216 23.35 36.41 9.68
N ASP A 217 22.17 35.86 9.97
CA ASP A 217 22.10 34.51 10.54
C ASP A 217 22.62 33.47 9.56
N ALA A 218 22.30 33.62 8.28
CA ALA A 218 22.86 32.74 7.25
C ALA A 218 24.38 32.86 7.14
N ARG A 219 24.94 34.01 7.53
CA ARG A 219 26.39 34.17 7.50
C ARG A 219 27.05 33.44 8.66
N GLU A 220 26.57 33.67 9.89
CA GLU A 220 27.17 33.03 11.06
C GLU A 220 26.93 31.53 11.10
N LEU A 221 25.89 31.03 10.42
CA LEU A 221 25.57 29.62 10.41
C LEU A 221 26.24 28.85 9.27
N GLY A 222 27.01 29.53 8.42
CA GLY A 222 27.68 28.90 7.31
C GLY A 222 26.80 28.54 6.13
N MET A 223 25.52 28.91 6.16
CA MET A 223 24.61 28.62 5.07
C MET A 223 24.91 29.52 3.87
N GLU A 224 24.27 29.19 2.75
CA GLU A 224 24.38 30.03 1.57
C GLU A 224 23.36 31.18 1.64
N GLU A 225 23.64 32.23 0.87
CA GLU A 225 22.83 33.44 0.92
C GLU A 225 21.60 33.28 0.04
N ARG A 226 20.44 33.61 0.60
CA ARG A 226 19.16 33.54 -0.10
C ARG A 226 18.90 32.18 -0.74
N PRO A 227 18.81 31.11 0.06
CA PRO A 227 18.73 29.76 -0.54
C PRO A 227 17.51 29.54 -1.42
N TYR A 228 16.32 29.91 -0.94
CA TYR A 228 15.13 29.69 -1.76
C TYR A 228 15.11 30.57 -2.99
N SER A 229 15.55 31.83 -2.85
CA SER A 229 15.63 32.71 -4.01
C SER A 229 16.54 32.12 -5.08
N SER A 230 17.67 31.56 -4.66
CA SER A 230 18.60 30.98 -5.62
CA SER A 230 18.60 30.96 -5.61
C SER A 230 17.97 29.78 -6.32
N ARG A 231 17.20 28.98 -5.59
CA ARG A 231 16.57 27.81 -6.21
C ARG A 231 15.43 28.23 -7.14
N LEU A 232 14.69 29.28 -6.78
CA LEU A 232 13.67 29.77 -7.71
C LEU A 232 14.30 30.31 -9.00
N LYS A 233 15.48 30.94 -8.90
CA LYS A 233 16.19 31.34 -10.11
C LYS A 233 16.61 30.13 -10.92
N LYS A 234 17.03 29.05 -10.24
CA LYS A 234 17.38 27.84 -10.96
CA LYS A 234 17.38 27.84 -10.96
C LYS A 234 16.17 27.25 -11.68
N ILE A 235 14.99 27.33 -11.05
CA ILE A 235 13.76 26.87 -11.69
C ILE A 235 13.50 27.64 -12.98
N GLY A 236 13.68 28.95 -12.96
CA GLY A 236 13.47 29.72 -14.17
C GLY A 236 14.41 29.31 -15.28
N GLU A 237 15.66 29.02 -14.93
CA GLU A 237 16.61 28.51 -15.92
C GLU A 237 16.14 27.17 -16.49
N LEU A 238 15.70 26.25 -15.62
CA LEU A 238 15.24 24.95 -16.08
C LEU A 238 14.01 25.07 -16.98
N LEU A 239 13.10 25.98 -16.65
CA LEU A 239 11.91 26.16 -17.46
C LEU A 239 12.24 26.66 -18.87
N ASP A 240 13.39 27.30 -19.06
CA ASP A 240 13.83 27.76 -20.36
C ASP A 240 14.79 26.80 -21.06
N GLN A 241 15.09 25.65 -20.45
CA GLN A 241 16.17 24.81 -20.93
C GLN A 241 15.64 23.72 -21.85
N ALA A 242 16.41 23.43 -22.90
CA ALA A 242 16.04 22.36 -23.81
C ALA A 242 16.28 20.99 -23.18
N SER A 243 15.38 20.06 -23.45
CA SER A 243 15.58 18.63 -23.15
C SER A 243 15.99 18.41 -21.70
N VAL A 244 15.22 18.97 -20.77
CA VAL A 244 15.52 18.79 -19.36
C VAL A 244 15.25 17.34 -18.98
N THR A 245 16.22 16.72 -18.30
CA THR A 245 16.07 15.34 -17.86
C THR A 245 15.76 15.28 -16.38
N ARG A 246 15.20 14.14 -15.97
CA ARG A 246 14.96 13.91 -14.54
C ARG A 246 16.24 14.07 -13.73
N GLU A 247 17.35 13.56 -14.26
CA GLU A 247 18.61 13.64 -13.54
C GLU A 247 19.04 15.09 -13.33
N GLU A 248 18.79 15.96 -14.32
CA GLU A 248 19.12 17.37 -14.14
C GLU A 248 18.21 18.03 -13.11
N VAL A 249 16.92 17.72 -13.14
CA VAL A 249 16.00 18.27 -12.14
C VAL A 249 16.43 17.86 -10.74
N VAL A 250 16.72 16.57 -10.55
CA VAL A 250 17.05 16.08 -9.22
C VAL A 250 18.41 16.61 -8.76
N SER A 251 19.38 16.69 -9.69
CA SER A 251 20.70 17.20 -9.34
CA SER A 251 20.70 17.19 -9.32
CA SER A 251 20.69 17.19 -9.30
C SER A 251 20.66 18.67 -8.96
N GLU A 252 19.80 19.44 -9.61
CA GLU A 252 19.76 20.88 -9.39
C GLU A 252 18.78 21.32 -8.32
N LEU A 253 17.64 20.64 -8.16
CA LEU A 253 16.63 21.03 -7.18
C LEU A 253 16.52 20.07 -6.01
N GLY A 254 16.88 18.81 -6.20
CA GLY A 254 16.74 17.80 -5.16
C GLY A 254 15.40 17.10 -5.19
N ASN A 255 15.34 16.00 -4.46
CA ASN A 255 14.10 15.24 -4.27
C ASN A 255 14.05 14.67 -2.86
N GLY A 256 14.53 15.44 -1.89
CA GLY A 256 14.81 14.93 -0.56
C GLY A 256 13.79 15.34 0.49
N ILE A 257 14.08 14.91 1.71
CA ILE A 257 13.21 15.19 2.85
C ILE A 257 13.41 16.59 3.40
N ALA A 258 14.47 17.27 3.03
CA ALA A 258 14.69 18.64 3.45
C ALA A 258 13.79 19.57 2.65
N ALA A 259 13.22 20.58 3.32
CA ALA A 259 12.36 21.52 2.62
C ALA A 259 13.07 22.17 1.44
N PHE A 260 14.37 22.44 1.60
CA PHE A 260 15.14 23.09 0.54
C PHE A 260 15.25 22.22 -0.70
N GLU A 261 15.21 20.90 -0.51
CA GLU A 261 15.36 19.95 -1.61
C GLU A 261 14.03 19.34 -2.05
N SER A 262 12.90 19.97 -1.69
CA SER A 262 11.60 19.44 -2.07
C SER A 262 10.54 20.50 -2.39
N VAL A 263 10.49 21.60 -1.63
CA VAL A 263 9.51 22.65 -1.95
C VAL A 263 9.76 23.28 -3.31
N PRO A 264 10.97 23.74 -3.65
CA PRO A 264 11.20 24.23 -5.02
C PRO A 264 10.91 23.16 -6.06
N THR A 265 11.27 21.91 -5.78
CA THR A 265 11.03 20.84 -6.72
C THR A 265 9.54 20.71 -7.01
N ALA A 266 8.71 20.72 -5.96
CA ALA A 266 7.26 20.65 -6.16
C ALA A 266 6.75 21.80 -7.01
N ILE A 267 7.26 23.01 -6.76
CA ILE A 267 6.85 24.17 -7.54
C ILE A 267 7.29 24.01 -9.00
N TYR A 268 8.51 23.51 -9.23
CA TYR A 268 8.95 23.22 -10.59
C TYR A 268 8.00 22.25 -11.28
N CYS A 269 7.59 21.20 -10.57
CA CYS A 269 6.68 20.23 -11.19
C CYS A 269 5.39 20.89 -11.61
N PHE A 270 4.83 21.73 -10.75
CA PHE A 270 3.62 22.46 -11.13
C PHE A 270 3.86 23.34 -12.36
N LEU A 271 4.93 24.13 -12.35
CA LEU A 271 5.18 25.06 -13.43
C LEU A 271 5.46 24.33 -14.74
N ARG A 272 6.34 23.33 -14.69
CA ARG A 272 6.66 22.57 -15.89
C ARG A 272 5.41 21.93 -16.49
N CYS A 273 4.55 21.37 -15.64
CA CYS A 273 3.41 20.62 -16.13
C CYS A 273 2.23 21.50 -16.52
N MET A 274 2.38 22.82 -16.46
CA MET A 274 1.40 23.71 -17.08
CA MET A 274 1.35 23.66 -17.07
C MET A 274 1.30 23.49 -18.57
N GLU A 275 2.34 22.93 -19.17
CA GLU A 275 2.38 22.62 -20.58
C GLU A 275 2.42 21.10 -20.77
N PRO A 276 1.95 20.61 -21.91
CA PRO A 276 2.02 19.18 -22.20
C PRO A 276 3.44 18.65 -22.13
N ASP A 277 3.57 17.39 -21.73
CA ASP A 277 4.83 16.67 -21.71
C ASP A 277 4.69 15.49 -22.67
N PRO A 278 5.51 15.43 -23.73
CA PRO A 278 5.37 14.30 -24.69
C PRO A 278 5.53 12.93 -24.07
N GLU A 279 6.20 12.81 -22.92
CA GLU A 279 6.41 11.53 -22.27
C GLU A 279 5.24 11.08 -21.40
N ILE A 280 4.22 11.93 -21.24
CA ILE A 280 3.04 11.60 -20.46
C ILE A 280 1.84 11.67 -21.39
N PRO A 281 1.08 10.59 -21.55
CA PRO A 281 -0.03 10.60 -22.53
C PRO A 281 -1.00 11.76 -22.32
N SER A 282 -1.48 12.30 -23.44
CA SER A 282 -2.35 13.46 -23.43
C SER A 282 -3.72 13.16 -22.84
N ALA A 283 -4.10 11.89 -22.71
CA ALA A 283 -5.34 11.55 -22.03
C ALA A 283 -5.35 12.02 -20.58
N PHE A 284 -4.18 12.14 -19.94
CA PHE A 284 -4.11 12.67 -18.59
C PHE A 284 -4.29 14.18 -18.61
N ASN A 285 -5.10 14.68 -17.68
CA ASN A 285 -5.28 16.13 -17.57
C ASN A 285 -4.07 16.76 -16.90
N SER A 286 -4.11 18.08 -16.71
CA SER A 286 -2.95 18.80 -16.22
C SER A 286 -2.63 18.47 -14.77
N LEU A 287 -3.66 18.27 -13.94
CA LEU A 287 -3.43 17.86 -12.56
CA LEU A 287 -3.42 17.85 -12.56
C LEU A 287 -2.82 16.46 -12.51
N GLN A 288 -3.37 15.54 -13.28
CA GLN A 288 -2.83 14.18 -13.33
C GLN A 288 -1.39 14.18 -13.81
N ARG A 289 -1.10 14.95 -14.86
CA ARG A 289 0.25 15.02 -15.39
C ARG A 289 1.22 15.54 -14.35
N THR A 290 0.82 16.55 -13.59
CA THR A 290 1.66 17.10 -12.53
C THR A 290 1.99 16.03 -11.49
N LEU A 291 0.98 15.27 -11.07
CA LEU A 291 1.21 14.20 -10.08
C LEU A 291 2.12 13.12 -10.64
N ILE A 292 1.81 12.65 -11.85
CA ILE A 292 2.64 11.62 -12.47
C ILE A 292 4.08 12.09 -12.59
N TYR A 293 4.26 13.31 -13.10
CA TYR A 293 5.61 13.83 -13.27
C TYR A 293 6.34 13.91 -11.92
N SER A 294 5.68 14.48 -10.91
CA SER A 294 6.34 14.63 -9.62
CA SER A 294 6.30 14.62 -9.60
C SER A 294 6.77 13.27 -9.06
N ILE A 295 5.91 12.26 -9.18
CA ILE A 295 6.27 10.94 -8.65
C ILE A 295 7.45 10.35 -9.41
N SER A 296 7.57 10.65 -10.71
CA SER A 296 8.67 10.10 -11.50
C SER A 296 10.04 10.62 -11.08
N LEU A 297 10.09 11.69 -10.30
CA LEU A 297 11.37 12.19 -9.80
C LEU A 297 11.94 11.32 -8.68
N GLY A 298 11.12 10.49 -8.06
CA GLY A 298 11.62 9.66 -6.98
C GLY A 298 11.94 10.49 -5.73
N GLY A 299 12.67 9.85 -4.82
CA GLY A 299 12.98 10.50 -3.55
C GLY A 299 11.77 10.53 -2.64
N ASP A 300 11.51 11.70 -2.03
CA ASP A 300 10.42 11.86 -1.07
C ASP A 300 9.13 12.12 -1.85
N THR A 301 8.67 11.06 -2.50
CA THR A 301 7.59 11.18 -3.48
CA THR A 301 7.59 11.20 -3.48
C THR A 301 6.29 11.65 -2.84
N ASP A 302 5.95 11.13 -1.65
CA ASP A 302 4.66 11.49 -1.09
CA ASP A 302 4.67 11.49 -1.05
C ASP A 302 4.60 12.99 -0.78
N THR A 303 5.71 13.56 -0.30
CA THR A 303 5.66 14.97 0.08
C THR A 303 5.82 15.87 -1.13
N ILE A 304 6.72 15.52 -2.06
CA ILE A 304 6.82 16.32 -3.28
C ILE A 304 5.49 16.31 -4.03
N ALA A 305 4.85 15.15 -4.15
CA ALA A 305 3.57 15.09 -4.86
C ALA A 305 2.44 15.77 -4.08
N THR A 306 2.43 15.64 -2.75
CA THR A 306 1.38 16.34 -2.01
CA THR A 306 1.44 16.34 -1.94
C THR A 306 1.49 17.84 -2.20
N MET A 307 2.72 18.37 -2.25
CA MET A 307 2.87 19.82 -2.38
C MET A 307 2.56 20.27 -3.80
N ALA A 308 3.03 19.53 -4.79
CA ALA A 308 2.72 19.86 -6.17
C ALA A 308 1.23 19.72 -6.43
N GLY A 309 0.61 18.70 -5.83
CA GLY A 309 -0.82 18.48 -6.00
C GLY A 309 -1.67 19.55 -5.35
N ALA A 310 -1.23 20.07 -4.20
CA ALA A 310 -1.95 21.18 -3.58
C ALA A 310 -1.94 22.41 -4.49
N ILE A 311 -0.77 22.73 -5.06
CA ILE A 311 -0.68 23.90 -5.95
C ILE A 311 -1.52 23.68 -7.20
N ALA A 312 -1.34 22.51 -7.84
CA ALA A 312 -2.08 22.22 -9.06
C ALA A 312 -3.58 22.15 -8.80
N GLY A 313 -3.98 21.57 -7.68
CA GLY A 313 -5.40 21.50 -7.37
C GLY A 313 -6.03 22.87 -7.20
N ALA A 314 -5.32 23.77 -6.52
CA ALA A 314 -5.82 25.12 -6.38
C ALA A 314 -5.89 25.83 -7.73
N TYR A 315 -4.95 25.54 -8.62
CA TYR A 315 -4.86 26.22 -9.89
C TYR A 315 -5.90 25.73 -10.89
N TYR A 316 -6.06 24.40 -11.00
CA TYR A 316 -6.94 23.81 -11.99
C TYR A 316 -8.35 23.58 -11.46
N GLY A 317 -8.49 23.46 -10.14
CA GLY A 317 -9.80 23.28 -9.53
C GLY A 317 -10.34 21.87 -9.64
N MET A 318 -11.56 21.72 -9.09
CA MET A 318 -12.17 20.40 -8.96
C MET A 318 -12.45 19.76 -10.32
N ASP A 319 -12.61 20.56 -11.38
CA ASP A 319 -12.90 19.98 -12.69
C ASP A 319 -11.79 19.05 -13.16
N GLN A 320 -10.58 19.20 -12.65
CA GLN A 320 -9.47 18.34 -13.03
C GLN A 320 -9.15 17.27 -12.01
N VAL A 321 -9.93 17.17 -10.93
CA VAL A 321 -9.78 16.09 -9.96
C VAL A 321 -10.58 14.90 -10.47
N PRO A 322 -9.94 13.84 -10.95
CA PRO A 322 -10.71 12.71 -11.51
C PRO A 322 -11.40 11.95 -10.39
N GLU A 323 -12.70 11.74 -10.55
CA GLU A 323 -13.47 11.04 -9.51
C GLU A 323 -12.85 9.68 -9.19
N SER A 324 -12.43 8.94 -10.22
CA SER A 324 -11.90 7.60 -9.97
C SER A 324 -10.63 7.64 -9.12
N TRP A 325 -9.76 8.63 -9.34
CA TRP A 325 -8.58 8.78 -8.49
C TRP A 325 -8.96 9.27 -7.10
N GLN A 326 -9.79 10.31 -7.04
CA GLN A 326 -10.17 10.90 -5.76
C GLN A 326 -10.81 9.86 -4.84
N GLN A 327 -11.74 9.08 -5.39
CA GLN A 327 -12.50 8.13 -4.59
C GLN A 327 -11.67 6.94 -4.15
N SER A 328 -10.47 6.76 -4.70
CA SER A 328 -9.57 5.74 -4.20
C SER A 328 -8.82 6.17 -2.95
N CYS A 329 -8.92 7.44 -2.55
CA CYS A 329 -8.11 8.00 -1.50
C CYS A 329 -8.82 7.94 -0.15
N GLU A 330 -8.12 7.41 0.85
CA GLU A 330 -8.60 7.40 2.22
C GLU A 330 -9.02 8.79 2.65
N GLY A 331 -10.27 8.90 3.12
CA GLY A 331 -10.75 10.15 3.68
C GLY A 331 -11.07 11.24 2.69
N TYR A 332 -11.27 10.91 1.41
CA TYR A 332 -11.48 11.97 0.43
C TYR A 332 -12.75 12.77 0.73
N GLU A 333 -13.78 12.13 1.29
CA GLU A 333 -15.00 12.88 1.62
C GLU A 333 -14.76 13.86 2.76
N GLU A 334 -14.07 13.42 3.82
CA GLU A 334 -13.73 14.33 4.91
C GLU A 334 -12.84 15.46 4.42
N THR A 335 -11.87 15.16 3.56
CA THR A 335 -11.03 16.19 2.98
C THR A 335 -11.87 17.22 2.24
N ASP A 336 -12.83 16.76 1.45
CA ASP A 336 -13.69 17.68 0.70
C ASP A 336 -14.58 18.49 1.63
N ILE A 337 -15.13 17.87 2.67
CA ILE A 337 -15.94 18.61 3.64
C ILE A 337 -15.11 19.70 4.30
N LEU A 338 -13.85 19.40 4.65
CA LEU A 338 -12.99 20.40 5.26
C LEU A 338 -12.72 21.55 4.29
N ALA A 339 -12.53 21.24 3.00
CA ALA A 339 -12.29 22.29 2.03
C ALA A 339 -13.51 23.20 1.92
N GLN A 340 -14.71 22.62 1.87
CA GLN A 340 -15.92 23.42 1.81
C GLN A 340 -16.13 24.21 3.09
N SER A 341 -15.78 23.64 4.23
CA SER A 341 -15.91 24.35 5.50
C SER A 341 -14.97 25.55 5.56
N LEU A 342 -13.72 25.37 5.13
CA LEU A 342 -12.80 26.50 5.06
C LEU A 342 -13.36 27.62 4.19
N HIS A 343 -13.99 27.24 3.07
CA HIS A 343 -14.57 28.26 2.20
C HIS A 343 -15.74 28.97 2.89
N ARG A 344 -16.61 28.22 3.56
CA ARG A 344 -17.74 28.83 4.24
C ARG A 344 -17.30 29.74 5.37
N VAL A 345 -16.32 29.30 6.16
CA VAL A 345 -15.91 30.05 7.35
C VAL A 345 -15.07 31.27 6.98
N PHE A 346 -14.11 31.11 6.06
CA PHE A 346 -13.10 32.13 5.85
C PHE A 346 -13.32 32.98 4.61
N GLN A 347 -14.00 32.47 3.58
CA GLN A 347 -14.35 33.27 2.41
C GLN A 347 -15.68 33.98 2.62
N SER B 4 13.46 -34.06 -5.74
CA SER B 4 14.16 -32.97 -5.07
C SER B 4 13.20 -32.12 -4.24
N SER B 5 13.35 -32.19 -2.93
CA SER B 5 12.50 -31.36 -2.08
C SER B 5 12.81 -29.87 -2.28
N LEU B 6 14.06 -29.52 -2.60
CA LEU B 6 14.38 -28.11 -2.86
C LEU B 6 13.56 -27.57 -4.03
N SER B 7 13.45 -28.36 -5.09
CA SER B 7 12.65 -27.95 -6.24
CA SER B 7 12.65 -27.95 -6.23
C SER B 7 11.19 -27.78 -5.85
N ARG B 8 10.68 -28.63 -4.95
CA ARG B 8 9.29 -28.51 -4.52
C ARG B 8 9.08 -27.29 -3.64
N PHE B 9 10.04 -26.99 -2.77
CA PHE B 9 9.94 -25.79 -1.94
C PHE B 9 9.91 -24.54 -2.81
N ARG B 10 10.85 -24.47 -3.77
CA ARG B 10 10.93 -23.32 -4.66
C ARG B 10 9.68 -23.23 -5.52
N GLY B 11 9.21 -24.36 -6.04
CA GLY B 11 8.02 -24.34 -6.87
C GLY B 11 6.79 -23.94 -6.11
N CYS B 12 6.69 -24.36 -4.85
CA CYS B 12 5.55 -23.99 -4.01
C CYS B 12 5.45 -22.46 -3.87
N LEU B 13 6.53 -21.81 -3.42
CA LEU B 13 6.43 -20.37 -3.20
C LEU B 13 6.35 -19.60 -4.51
N ALA B 14 6.99 -20.10 -5.57
CA ALA B 14 6.84 -19.45 -6.87
C ALA B 14 5.42 -19.60 -7.39
N GLY B 15 4.80 -20.77 -7.20
CA GLY B 15 3.45 -20.97 -7.67
C GLY B 15 2.45 -20.09 -6.93
N ALA B 16 2.65 -19.93 -5.62
CA ALA B 16 1.85 -18.99 -4.84
C ALA B 16 2.02 -17.57 -5.35
N LEU B 17 3.28 -17.15 -5.59
CA LEU B 17 3.52 -15.80 -6.11
C LEU B 17 2.84 -15.60 -7.46
N LEU B 18 2.96 -16.59 -8.35
CA LEU B 18 2.31 -16.52 -9.66
C LEU B 18 0.80 -16.38 -9.51
N GLY B 19 0.20 -17.17 -8.62
CA GLY B 19 -1.24 -17.07 -8.46
C GLY B 19 -1.68 -15.69 -8.00
N ASP B 20 -0.95 -15.12 -7.04
CA ASP B 20 -1.27 -13.77 -6.58
C ASP B 20 -1.09 -12.76 -7.70
N CYS B 21 0.09 -12.75 -8.32
CA CYS B 21 0.41 -11.70 -9.28
C CYS B 21 -0.44 -11.81 -10.54
N VAL B 22 -0.54 -13.02 -11.09
CA VAL B 22 -1.33 -13.20 -12.31
C VAL B 22 -2.82 -13.06 -12.01
N GLY B 23 -3.27 -13.58 -10.86
CA GLY B 23 -4.66 -13.48 -10.51
C GLY B 23 -5.10 -12.06 -10.24
N SER B 24 -4.18 -11.20 -9.82
CA SER B 24 -4.48 -9.79 -9.62
CA SER B 24 -4.51 -9.80 -9.63
CA SER B 24 -4.49 -9.79 -9.62
C SER B 24 -4.44 -9.02 -10.94
N PHE B 25 -3.67 -9.50 -11.91
CA PHE B 25 -3.55 -8.91 -13.22
C PHE B 25 -4.87 -9.01 -13.97
N VAL B 32 -14.28 -12.12 -16.03
CA VAL B 32 -13.28 -13.12 -16.41
C VAL B 32 -13.94 -14.42 -16.87
N ASP B 33 -13.44 -14.96 -17.98
CA ASP B 33 -13.81 -16.29 -18.43
C ASP B 33 -12.58 -16.91 -19.10
N LEU B 34 -12.68 -18.20 -19.42
CA LEU B 34 -11.52 -18.95 -19.88
C LEU B 34 -10.90 -18.33 -21.14
N THR B 35 -11.75 -18.00 -22.12
CA THR B 35 -11.24 -17.39 -23.35
C THR B 35 -10.52 -16.08 -23.06
N SER B 36 -11.05 -15.28 -22.15
CA SER B 36 -10.39 -14.01 -21.82
C SER B 36 -9.13 -14.23 -21.00
N VAL B 37 -9.13 -15.23 -20.10
CA VAL B 37 -7.94 -15.49 -19.29
C VAL B 37 -6.77 -15.88 -20.18
N LEU B 38 -7.02 -16.69 -21.21
CA LEU B 38 -5.95 -17.12 -22.10
C LEU B 38 -5.34 -15.92 -22.84
N ARG B 39 -6.18 -14.96 -23.23
CA ARG B 39 -5.66 -13.76 -23.86
C ARG B 39 -4.75 -12.98 -22.91
N HIS B 40 -5.15 -12.87 -21.64
CA HIS B 40 -4.37 -12.08 -20.69
C HIS B 40 -3.01 -12.69 -20.40
N VAL B 41 -2.92 -14.03 -20.37
CA VAL B 41 -1.63 -14.68 -20.13
C VAL B 41 -0.70 -14.62 -21.33
N GLN B 42 -1.22 -14.30 -22.52
CA GLN B 42 -0.36 -14.11 -23.69
C GLN B 42 0.70 -13.05 -23.41
N SER B 43 0.33 -11.99 -22.67
CA SER B 43 1.27 -10.90 -22.39
C SER B 43 2.45 -11.35 -21.56
N LEU B 44 2.32 -12.47 -20.83
CA LEU B 44 3.42 -12.99 -20.02
C LEU B 44 4.50 -13.66 -20.85
N GLU B 45 4.27 -13.89 -22.15
CA GLU B 45 5.26 -14.56 -22.97
C GLU B 45 6.26 -13.56 -23.54
N PRO B 46 7.50 -13.99 -23.79
CA PRO B 46 8.55 -13.15 -24.37
C PRO B 46 8.17 -12.65 -25.76
N ARG B 55 12.67 -6.96 -19.87
CA ARG B 55 11.51 -7.48 -19.15
C ARG B 55 11.66 -7.28 -17.65
N THR B 56 10.79 -6.45 -17.06
CA THR B 56 10.87 -6.10 -15.65
C THR B 56 9.77 -6.82 -14.88
N GLU B 57 9.73 -6.55 -13.57
CA GLU B 57 8.78 -7.20 -12.66
C GLU B 57 7.47 -6.41 -12.63
N ALA B 58 6.71 -6.55 -13.72
CA ALA B 58 5.57 -5.66 -13.96
C ALA B 58 4.34 -5.99 -13.12
N LEU B 59 4.22 -7.22 -12.62
CA LEU B 59 3.02 -7.64 -11.91
C LEU B 59 3.24 -7.49 -10.42
N TYR B 60 2.53 -6.55 -9.80
CA TYR B 60 2.59 -6.37 -8.35
C TYR B 60 1.96 -7.55 -7.64
N TYR B 61 2.54 -7.92 -6.51
CA TYR B 61 1.84 -8.84 -5.61
C TYR B 61 0.89 -8.07 -4.70
N THR B 62 0.06 -8.81 -3.98
CA THR B 62 -0.90 -8.18 -3.07
C THR B 62 -0.71 -8.66 -1.64
N ASP B 63 -1.73 -8.47 -0.79
CA ASP B 63 -1.62 -8.85 0.61
C ASP B 63 -1.35 -10.34 0.77
N ASP B 64 -1.79 -11.18 -0.17
CA ASP B 64 -1.52 -12.61 -0.06
C ASP B 64 -0.03 -12.87 0.07
N THR B 65 0.76 -12.29 -0.84
CA THR B 65 2.21 -12.49 -0.82
C THR B 65 2.86 -11.70 0.31
N ALA B 66 2.36 -10.48 0.58
CA ALA B 66 2.96 -9.67 1.62
C ALA B 66 2.91 -10.41 2.97
N MET B 67 1.76 -11.04 3.25
CA MET B 67 1.65 -11.78 4.50
C MET B 67 2.40 -13.09 4.44
N ALA B 68 2.41 -13.76 3.29
CA ALA B 68 3.16 -14.99 3.15
C ALA B 68 4.65 -14.75 3.40
N ARG B 69 5.17 -13.65 2.86
CA ARG B 69 6.56 -13.29 3.07
C ARG B 69 6.85 -13.04 4.55
N ALA B 70 5.97 -12.29 5.23
CA ALA B 70 6.20 -12.00 6.64
C ALA B 70 6.15 -13.27 7.47
N LEU B 71 5.23 -14.18 7.15
CA LEU B 71 5.13 -15.45 7.88
C LEU B 71 6.43 -16.23 7.73
N VAL B 72 6.95 -16.33 6.50
CA VAL B 72 8.18 -17.07 6.23
C VAL B 72 9.36 -16.39 6.90
N GLN B 73 9.42 -15.06 6.86
CA GLN B 73 10.52 -14.35 7.48
C GLN B 73 10.53 -14.52 8.99
N SER B 74 9.35 -14.64 9.60
CA SER B 74 9.30 -14.89 11.03
C SER B 74 9.82 -16.28 11.37
N LEU B 75 9.39 -17.29 10.60
CA LEU B 75 9.87 -18.63 10.85
C LEU B 75 11.38 -18.72 10.67
N LEU B 76 11.92 -18.04 9.67
CA LEU B 76 13.36 -18.07 9.44
C LEU B 76 14.11 -17.33 10.54
N ALA B 77 13.58 -16.19 10.99
CA ALA B 77 14.26 -15.40 12.00
C ALA B 77 14.38 -16.16 13.31
N LYS B 78 13.32 -16.86 13.70
CA LYS B 78 13.30 -17.56 14.97
C LYS B 78 13.57 -19.04 14.86
N GLU B 79 13.58 -19.60 13.64
CA GLU B 79 13.75 -21.03 13.43
C GLU B 79 12.71 -21.85 14.19
N ALA B 80 11.52 -21.28 14.34
CA ALA B 80 10.42 -21.84 15.12
C ALA B 80 9.27 -20.84 15.00
N PHE B 81 8.12 -21.24 15.54
CA PHE B 81 6.97 -20.37 15.59
C PHE B 81 7.04 -19.51 16.85
N ASP B 82 6.97 -18.19 16.66
CA ASP B 82 7.01 -17.19 17.73
C ASP B 82 5.87 -16.25 17.43
N GLU B 83 4.79 -16.33 18.21
CA GLU B 83 3.58 -15.58 17.88
C GLU B 83 3.82 -14.06 17.94
N VAL B 84 4.66 -13.60 18.87
CA VAL B 84 4.93 -12.16 18.99
C VAL B 84 5.70 -11.68 17.77
N ASP B 85 6.76 -12.39 17.40
CA ASP B 85 7.56 -12.00 16.25
C ASP B 85 6.72 -11.99 14.98
N MET B 86 5.94 -13.05 14.76
CA MET B 86 5.11 -13.12 13.57
C MET B 86 4.03 -12.05 13.56
N ALA B 87 3.34 -11.85 14.69
CA ALA B 87 2.31 -10.81 14.74
C ALA B 87 2.91 -9.43 14.45
N HIS B 88 4.07 -9.14 15.04
CA HIS B 88 4.69 -7.85 14.79
C HIS B 88 5.13 -7.72 13.34
N ARG B 89 5.62 -8.81 12.74
CA ARG B 89 6.00 -8.73 11.34
C ARG B 89 4.80 -8.47 10.43
N PHE B 90 3.65 -9.12 10.71
CA PHE B 90 2.43 -8.81 9.98
C PHE B 90 2.08 -7.33 10.13
N ALA B 91 2.08 -6.83 11.36
CA ALA B 91 1.65 -5.46 11.60
C ALA B 91 2.61 -4.47 10.99
N GLN B 92 3.92 -4.73 11.11
CA GLN B 92 4.91 -3.82 10.52
C GLN B 92 4.85 -3.83 9.00
N GLU B 93 4.56 -4.99 8.39
CA GLU B 93 4.45 -5.03 6.94
C GLU B 93 3.25 -4.21 6.47
N TYR B 94 2.12 -4.34 7.17
CA TYR B 94 0.96 -3.50 6.89
C TYR B 94 1.30 -2.02 7.05
N LYS B 95 1.98 -1.66 8.15
CA LYS B 95 2.31 -0.26 8.39
C LYS B 95 3.16 0.32 7.26
N LYS B 96 4.13 -0.47 6.79
CA LYS B 96 5.09 -0.02 5.79
C LYS B 96 4.45 0.03 4.40
N ASP B 97 3.45 -0.79 4.14
CA ASP B 97 2.98 -1.02 2.79
C ASP B 97 1.48 -1.36 2.87
N PRO B 98 0.63 -0.41 3.28
CA PRO B 98 -0.79 -0.76 3.52
C PRO B 98 -1.61 -0.95 2.26
N ASP B 99 -1.15 -0.46 1.10
CA ASP B 99 -1.93 -0.46 -0.14
C ASP B 99 -1.86 -1.78 -0.89
N ARG B 100 -1.97 -2.91 -0.22
CA ARG B 100 -1.88 -4.21 -0.86
C ARG B 100 -3.21 -4.94 -0.93
N GLY B 101 -4.32 -4.26 -0.68
CA GLY B 101 -5.62 -4.87 -0.81
C GLY B 101 -5.98 -5.79 0.33
N TYR B 102 -5.67 -5.39 1.57
CA TYR B 102 -6.01 -6.19 2.74
C TYR B 102 -7.52 -6.23 2.94
N GLY B 103 -7.97 -7.28 3.63
CA GLY B 103 -9.38 -7.35 4.02
C GLY B 103 -9.77 -6.19 4.90
N ALA B 104 -11.04 -5.80 4.80
CA ALA B 104 -11.48 -4.61 5.53
C ALA B 104 -11.46 -4.82 7.04
N GLY B 105 -11.68 -6.05 7.51
CA GLY B 105 -11.71 -6.26 8.94
C GLY B 105 -10.34 -6.46 9.54
N VAL B 106 -9.46 -7.17 8.83
CA VAL B 106 -8.18 -7.57 9.43
C VAL B 106 -7.33 -6.36 9.79
N VAL B 107 -7.53 -5.21 9.12
CA VAL B 107 -6.69 -4.07 9.43
C VAL B 107 -6.90 -3.61 10.88
N THR B 108 -8.07 -3.89 11.46
CA THR B 108 -8.28 -3.63 12.88
C THR B 108 -7.31 -4.42 13.74
N VAL B 109 -7.05 -5.68 13.37
CA VAL B 109 -6.07 -6.49 14.09
C VAL B 109 -4.70 -5.85 14.03
N PHE B 110 -4.27 -5.44 12.82
CA PHE B 110 -2.95 -4.85 12.69
C PHE B 110 -2.82 -3.58 13.51
N LYS B 111 -3.86 -2.74 13.51
CA LYS B 111 -3.79 -1.49 14.24
C LYS B 111 -3.66 -1.74 15.74
N LYS B 112 -4.35 -2.77 16.23
CA LYS B 112 -4.21 -3.12 17.65
C LYS B 112 -2.83 -3.69 17.95
N LEU B 113 -2.28 -4.51 17.04
CA LEU B 113 -0.97 -5.09 17.24
C LEU B 113 0.13 -4.04 17.24
N LEU B 114 -0.08 -2.94 16.49
CA LEU B 114 0.92 -1.88 16.41
C LEU B 114 1.07 -1.12 17.73
N ASN B 115 0.09 -1.20 18.61
CA ASN B 115 0.21 -0.53 19.91
C ASN B 115 1.22 -1.29 20.76
N PRO B 116 2.28 -0.63 21.24
CA PRO B 116 3.29 -1.34 22.04
C PRO B 116 2.73 -1.93 23.31
N LYS B 117 1.64 -1.35 23.83
CA LYS B 117 1.02 -1.88 25.05
C LYS B 117 0.35 -3.22 24.84
N CYS B 118 0.08 -3.61 23.59
CA CYS B 118 -0.56 -4.88 23.31
C CYS B 118 0.42 -6.02 23.59
N ARG B 119 0.19 -6.74 24.69
CA ARG B 119 1.05 -7.86 25.06
C ARG B 119 0.45 -9.22 24.75
N ASP B 120 -0.81 -9.27 24.34
CA ASP B 120 -1.52 -10.53 24.09
C ASP B 120 -1.84 -10.53 22.60
N VAL B 121 -0.92 -11.07 21.80
CA VAL B 121 -1.04 -10.90 20.35
C VAL B 121 -2.18 -11.67 19.72
N PHE B 122 -2.76 -12.65 20.41
CA PHE B 122 -3.91 -13.37 19.88
C PHE B 122 -5.23 -12.70 20.20
N GLU B 123 -5.26 -11.71 21.10
CA GLU B 123 -6.51 -11.12 21.52
C GLU B 123 -7.22 -10.31 20.44
N PRO B 124 -6.52 -9.48 19.65
CA PRO B 124 -7.25 -8.71 18.63
C PRO B 124 -8.05 -9.58 17.69
N ALA B 125 -7.47 -10.70 17.23
CA ALA B 125 -8.21 -11.57 16.32
C ALA B 125 -9.47 -12.11 16.99
N ARG B 126 -9.41 -12.39 18.28
CA ARG B 126 -10.58 -12.95 18.95
C ARG B 126 -11.73 -11.95 19.05
N ALA B 127 -11.43 -10.65 19.10
CA ALA B 127 -12.46 -9.63 19.22
C ALA B 127 -13.17 -9.32 17.90
N GLN B 128 -12.62 -9.77 16.78
CA GLN B 128 -13.21 -9.48 15.48
C GLN B 128 -14.63 -10.02 15.41
N PHE B 129 -15.51 -9.27 14.73
CA PHE B 129 -16.86 -9.71 14.39
C PHE B 129 -17.64 -10.18 15.63
N ASN B 130 -17.82 -9.23 16.54
CA ASN B 130 -18.58 -9.46 17.77
C ASN B 130 -17.97 -10.60 18.60
N GLY B 131 -16.64 -10.71 18.57
CA GLY B 131 -15.97 -11.71 19.37
C GLY B 131 -16.04 -13.12 18.83
N LYS B 132 -16.47 -13.29 17.58
CA LYS B 132 -16.55 -14.62 16.99
CA LYS B 132 -16.56 -14.61 16.96
C LYS B 132 -15.39 -14.93 16.05
N GLY B 133 -14.63 -13.93 15.62
CA GLY B 133 -13.48 -14.17 14.76
C GLY B 133 -13.83 -14.11 13.29
N SER B 134 -12.81 -13.78 12.49
CA SER B 134 -12.97 -13.77 11.04
C SER B 134 -13.00 -15.18 10.47
N TYR B 135 -13.88 -15.37 9.49
CA TYR B 135 -13.86 -16.58 8.67
C TYR B 135 -13.30 -16.33 7.28
N GLY B 136 -12.67 -15.18 7.07
CA GLY B 136 -12.05 -14.89 5.78
C GLY B 136 -10.91 -15.84 5.47
N ASN B 137 -10.45 -15.79 4.21
CA ASN B 137 -9.41 -16.68 3.73
C ASN B 137 -8.00 -16.16 3.96
N GLY B 138 -7.85 -15.06 4.71
CA GLY B 138 -6.52 -14.48 4.89
C GLY B 138 -5.57 -15.35 5.70
N GLY B 139 -6.10 -16.20 6.58
CA GLY B 139 -5.23 -17.10 7.29
C GLY B 139 -4.68 -18.19 6.39
N ALA B 140 -5.48 -18.62 5.41
CA ALA B 140 -5.07 -19.66 4.47
C ALA B 140 -4.23 -19.13 3.33
N MET B 141 -4.44 -17.87 2.93
CA MET B 141 -3.77 -17.35 1.74
C MET B 141 -2.26 -17.30 1.92
N ARG B 142 -1.80 -17.25 3.17
CA ARG B 142 -0.40 -17.03 3.50
C ARG B 142 0.27 -18.24 4.12
N VAL B 143 -0.45 -19.37 4.24
CA VAL B 143 -0.02 -20.43 5.16
C VAL B 143 0.98 -21.40 4.57
N ALA B 144 1.26 -21.35 3.26
CA ALA B 144 2.03 -22.43 2.63
C ALA B 144 3.41 -22.61 3.27
N GLY B 145 4.04 -21.52 3.71
CA GLY B 145 5.35 -21.65 4.33
C GLY B 145 5.36 -22.54 5.55
N ILE B 146 4.22 -22.65 6.25
CA ILE B 146 4.13 -23.55 7.39
C ILE B 146 4.48 -24.97 6.96
N SER B 147 3.97 -25.39 5.82
CA SER B 147 4.20 -26.76 5.39
C SER B 147 5.60 -26.97 4.83
N LEU B 148 6.33 -25.91 4.54
CA LEU B 148 7.75 -26.06 4.20
CA LEU B 148 7.75 -26.04 4.20
C LEU B 148 8.61 -26.10 5.45
N ALA B 149 8.24 -25.37 6.49
CA ALA B 149 9.03 -25.36 7.73
C ALA B 149 8.82 -26.60 8.56
N TYR B 150 7.62 -27.20 8.51
CA TYR B 150 7.27 -28.32 9.38
C TYR B 150 6.93 -29.53 8.52
N SER B 151 7.71 -30.58 8.67
CA SER B 151 7.51 -31.75 7.83
C SER B 151 6.46 -32.70 8.39
N SER B 152 6.25 -32.72 9.70
CA SER B 152 5.30 -33.66 10.26
CA SER B 152 5.30 -33.64 10.30
C SER B 152 3.88 -33.10 10.15
N VAL B 153 2.94 -33.98 9.81
CA VAL B 153 1.56 -33.55 9.63
C VAL B 153 0.99 -32.97 10.92
N GLN B 154 1.45 -33.46 12.07
CA GLN B 154 0.93 -32.93 13.33
CA GLN B 154 0.96 -32.94 13.34
C GLN B 154 1.38 -31.49 13.54
N ASP B 155 2.63 -31.16 13.18
CA ASP B 155 3.10 -29.79 13.32
C ASP B 155 2.47 -28.88 12.28
N VAL B 156 2.26 -29.40 11.06
CA VAL B 156 1.56 -28.60 10.05
C VAL B 156 0.21 -28.11 10.59
N GLN B 157 -0.58 -29.01 11.16
CA GLN B 157 -1.88 -28.57 11.69
C GLN B 157 -1.71 -27.61 12.85
N LYS B 158 -0.79 -27.91 13.77
CA LYS B 158 -0.60 -27.09 14.95
CA LYS B 158 -0.61 -27.09 14.96
C LYS B 158 -0.24 -25.66 14.57
N PHE B 159 0.70 -25.50 13.65
CA PHE B 159 1.19 -24.18 13.35
C PHE B 159 0.44 -23.48 12.25
N ALA B 160 -0.22 -24.23 11.36
CA ALA B 160 -1.22 -23.59 10.51
C ALA B 160 -2.32 -22.96 11.35
N ARG B 161 -2.75 -23.66 12.40
CA ARG B 161 -3.78 -23.11 13.27
C ARG B 161 -3.26 -21.86 13.99
N LEU B 162 -2.10 -21.95 14.65
CA LEU B 162 -1.58 -20.81 15.42
C LEU B 162 -1.30 -19.61 14.53
N SER B 163 -0.66 -19.82 13.39
CA SER B 163 -0.37 -18.68 12.53
C SER B 163 -1.65 -18.04 12.03
N ALA B 164 -2.66 -18.85 11.71
CA ALA B 164 -3.94 -18.30 11.27
C ALA B 164 -4.63 -17.52 12.38
N GLN B 165 -4.56 -18.03 13.62
CA GLN B 165 -5.25 -17.40 14.74
C GLN B 165 -4.72 -16.02 15.07
N LEU B 166 -3.56 -15.62 14.53
CA LEU B 166 -3.10 -14.25 14.73
C LEU B 166 -4.06 -13.25 14.10
N THR B 167 -4.84 -13.66 13.10
CA THR B 167 -5.82 -12.79 12.49
C THR B 167 -7.19 -13.42 12.36
N HIS B 168 -7.32 -14.75 12.45
CA HIS B 168 -8.54 -15.50 12.13
C HIS B 168 -8.83 -16.46 13.27
N ALA B 169 -9.65 -16.01 14.21
CA ALA B 169 -9.94 -16.74 15.42
C ALA B 169 -11.15 -17.66 15.30
N SER B 170 -11.94 -17.55 14.24
CA SER B 170 -13.05 -18.48 14.04
CA SER B 170 -13.05 -18.48 14.04
C SER B 170 -12.51 -19.78 13.48
N SER B 171 -13.12 -20.89 13.90
CA SER B 171 -12.70 -22.17 13.35
C SER B 171 -12.91 -22.27 11.84
N LEU B 172 -13.92 -21.58 11.29
CA LEU B 172 -14.05 -21.58 9.84
C LEU B 172 -12.82 -20.95 9.19
N GLY B 173 -12.27 -19.91 9.81
CA GLY B 173 -11.08 -19.29 9.27
C GLY B 173 -9.83 -20.13 9.49
N TYR B 174 -9.61 -20.58 10.73
CA TYR B 174 -8.37 -21.33 10.95
C TYR B 174 -8.41 -22.76 10.42
N ASN B 175 -9.58 -23.41 10.39
CA ASN B 175 -9.61 -24.74 9.77
C ASN B 175 -9.41 -24.66 8.27
N GLY B 176 -9.78 -23.52 7.66
CA GLY B 176 -9.46 -23.34 6.24
C GLY B 176 -7.97 -23.23 6.03
N ALA B 177 -7.27 -22.53 6.93
CA ALA B 177 -5.83 -22.46 6.85
C ALA B 177 -5.18 -23.82 7.08
N ILE B 178 -5.71 -24.60 8.05
CA ILE B 178 -5.17 -25.95 8.25
C ILE B 178 -5.36 -26.79 6.99
N LEU B 179 -6.54 -26.73 6.40
CA LEU B 179 -6.80 -27.51 5.19
C LEU B 179 -5.83 -27.16 4.08
N GLN B 180 -5.62 -25.85 3.86
CA GLN B 180 -4.68 -25.42 2.83
C GLN B 180 -3.27 -25.89 3.14
N ALA B 181 -2.84 -25.77 4.40
CA ALA B 181 -1.50 -26.23 4.78
C ALA B 181 -1.35 -27.73 4.59
N LEU B 182 -2.40 -28.49 4.91
CA LEU B 182 -2.36 -29.93 4.70
C LEU B 182 -2.26 -30.27 3.22
N ALA B 183 -2.96 -29.53 2.36
CA ALA B 183 -2.86 -29.78 0.93
C ALA B 183 -1.44 -29.52 0.42
N VAL B 184 -0.82 -28.44 0.88
CA VAL B 184 0.57 -28.19 0.47
C VAL B 184 1.47 -29.28 1.01
N HIS B 185 1.28 -29.66 2.29
CA HIS B 185 2.05 -30.74 2.90
C HIS B 185 1.95 -32.01 2.07
N LEU B 186 0.74 -32.38 1.68
CA LEU B 186 0.57 -33.60 0.88
CA LEU B 186 0.57 -33.59 0.89
C LEU B 186 1.24 -33.47 -0.48
N ALA B 187 1.12 -32.30 -1.12
CA ALA B 187 1.74 -32.10 -2.43
C ALA B 187 3.25 -32.27 -2.36
N LEU B 188 3.86 -31.85 -1.26
CA LEU B 188 5.31 -32.00 -1.08
C LEU B 188 5.74 -33.46 -1.08
N GLN B 189 4.82 -34.38 -0.78
CA GLN B 189 5.17 -35.79 -0.77
CA GLN B 189 5.17 -35.80 -0.77
C GLN B 189 5.25 -36.40 -2.16
N GLY B 190 4.85 -35.66 -3.20
CA GLY B 190 5.00 -36.14 -4.56
C GLY B 190 3.84 -36.94 -5.08
N GLU B 191 4.15 -37.79 -6.06
CA GLU B 191 3.13 -38.39 -6.92
C GLU B 191 2.05 -39.08 -6.12
N SER B 192 0.80 -38.79 -6.48
CA SER B 192 -0.36 -39.35 -5.79
C SER B 192 -1.52 -39.39 -6.77
N SER B 193 -2.41 -40.36 -6.58
CA SER B 193 -3.69 -40.26 -7.26
C SER B 193 -4.50 -39.12 -6.64
N SER B 194 -5.42 -38.57 -7.43
CA SER B 194 -6.35 -37.57 -6.89
CA SER B 194 -6.34 -37.57 -6.89
C SER B 194 -7.21 -38.20 -5.80
N GLU B 195 -7.58 -39.46 -5.97
CA GLU B 195 -8.38 -40.17 -4.97
CA GLU B 195 -8.38 -40.15 -4.97
C GLU B 195 -7.67 -40.19 -3.62
N HIS B 196 -6.40 -40.60 -3.62
CA HIS B 196 -5.65 -40.71 -2.37
C HIS B 196 -5.45 -39.34 -1.74
N PHE B 197 -5.11 -38.33 -2.55
CA PHE B 197 -4.91 -36.97 -2.05
C PHE B 197 -6.16 -36.46 -1.32
N LEU B 198 -7.31 -36.57 -1.98
CA LEU B 198 -8.55 -36.07 -1.40
C LEU B 198 -8.96 -36.86 -0.17
N LYS B 199 -8.80 -38.19 -0.19
CA LYS B 199 -9.16 -39.00 0.97
CA LYS B 199 -9.17 -38.99 0.97
C LYS B 199 -8.33 -38.63 2.18
N GLN B 200 -7.03 -38.36 1.98
CA GLN B 200 -6.20 -37.95 3.11
CA GLN B 200 -6.18 -37.94 3.10
C GLN B 200 -6.69 -36.65 3.71
N LEU B 201 -7.00 -35.67 2.87
CA LEU B 201 -7.51 -34.39 3.38
C LEU B 201 -8.85 -34.58 4.08
N LEU B 202 -9.73 -35.40 3.52
CA LEU B 202 -11.03 -35.62 4.13
C LEU B 202 -10.88 -36.26 5.51
N GLY B 203 -10.01 -37.26 5.63
CA GLY B 203 -9.82 -37.90 6.93
C GLY B 203 -9.35 -36.92 7.98
N HIS B 204 -8.45 -36.00 7.60
CA HIS B 204 -8.00 -34.99 8.56
C HIS B 204 -9.11 -34.04 8.95
N MET B 205 -9.92 -33.59 7.98
CA MET B 205 -10.95 -32.60 8.31
C MET B 205 -12.09 -33.24 9.10
N GLU B 206 -12.41 -34.50 8.82
CA GLU B 206 -13.40 -35.20 9.64
CA GLU B 206 -13.40 -35.19 9.64
C GLU B 206 -12.98 -35.24 11.10
N ASP B 207 -11.68 -35.44 11.35
CA ASP B 207 -11.21 -35.50 12.73
C ASP B 207 -11.26 -34.12 13.39
N LEU B 208 -10.89 -33.09 12.65
CA LEU B 208 -10.87 -31.74 13.21
C LEU B 208 -12.26 -31.20 13.44
N GLU B 209 -13.19 -31.52 12.53
CA GLU B 209 -14.56 -31.06 12.64
C GLU B 209 -15.40 -31.91 13.56
N GLY B 210 -14.76 -32.78 14.34
CA GLY B 210 -15.38 -33.49 15.44
C GLY B 210 -15.11 -32.90 16.80
N ASP B 211 -14.41 -31.77 16.87
CA ASP B 211 -14.17 -31.10 18.15
C ASP B 211 -14.68 -29.67 18.12
N ALA B 218 -22.62 -26.63 17.79
CA ALA B 218 -23.78 -26.60 16.92
C ALA B 218 -23.47 -25.88 15.61
N ARG B 219 -24.48 -25.20 15.06
CA ARG B 219 -24.36 -24.46 13.79
C ARG B 219 -24.83 -23.02 14.03
N GLU B 220 -23.95 -22.20 14.62
CA GLU B 220 -24.28 -20.80 14.85
C GLU B 220 -24.36 -20.03 13.55
N LEU B 221 -23.45 -20.29 12.61
CA LEU B 221 -23.45 -19.65 11.30
C LEU B 221 -24.45 -20.29 10.33
N GLY B 222 -25.42 -21.05 10.84
CA GLY B 222 -26.41 -21.67 9.98
C GLY B 222 -25.85 -22.63 8.98
N MET B 223 -24.72 -23.26 9.29
CA MET B 223 -24.03 -24.14 8.36
C MET B 223 -24.33 -25.60 8.68
N GLU B 224 -23.82 -26.48 7.84
CA GLU B 224 -24.05 -27.91 8.05
C GLU B 224 -23.04 -28.47 9.05
N GLU B 225 -23.22 -29.73 9.39
CA GLU B 225 -22.26 -30.45 10.22
C GLU B 225 -21.00 -30.71 9.41
N ARG B 226 -19.84 -30.38 9.98
CA ARG B 226 -18.53 -30.62 9.37
C ARG B 226 -18.47 -30.00 7.98
N PRO B 227 -18.41 -28.66 7.89
CA PRO B 227 -18.52 -28.01 6.58
C PRO B 227 -17.39 -28.32 5.60
N TYR B 228 -16.13 -28.28 6.05
CA TYR B 228 -15.04 -28.56 5.12
C TYR B 228 -15.09 -30.01 4.64
N SER B 229 -15.43 -30.94 5.54
CA SER B 229 -15.58 -32.33 5.15
CA SER B 229 -15.56 -32.32 5.14
C SER B 229 -16.65 -32.48 4.09
N SER B 230 -17.77 -31.78 4.26
CA SER B 230 -18.85 -31.89 3.27
CA SER B 230 -18.85 -31.88 3.27
C SER B 230 -18.40 -31.34 1.92
N ARG B 231 -17.64 -30.25 1.92
CA ARG B 231 -17.17 -29.70 0.66
CA ARG B 231 -17.17 -29.69 0.65
C ARG B 231 -16.13 -30.60 0.01
N LEU B 232 -15.29 -31.26 0.81
CA LEU B 232 -14.34 -32.21 0.24
C LEU B 232 -15.05 -33.39 -0.39
N LYS B 233 -16.14 -33.85 0.23
CA LYS B 233 -16.95 -34.90 -0.40
C LYS B 233 -17.55 -34.41 -1.71
N LYS B 234 -17.99 -33.15 -1.74
CA LYS B 234 -18.52 -32.57 -2.97
C LYS B 234 -17.44 -32.53 -4.05
N ILE B 235 -16.20 -32.21 -3.67
CA ILE B 235 -15.10 -32.23 -4.63
C ILE B 235 -14.96 -33.62 -5.25
N GLY B 236 -15.05 -34.67 -4.44
CA GLY B 236 -14.95 -36.01 -4.98
C GLY B 236 -16.06 -36.32 -5.97
N GLU B 237 -17.27 -35.83 -5.69
CA GLU B 237 -18.37 -36.01 -6.65
C GLU B 237 -18.11 -35.25 -7.93
N LEU B 238 -17.64 -34.00 -7.83
CA LEU B 238 -17.37 -33.21 -9.02
C LEU B 238 -16.27 -33.83 -9.86
N LEU B 239 -15.26 -34.43 -9.21
CA LEU B 239 -14.17 -35.03 -9.95
C LEU B 239 -14.61 -36.25 -10.73
N ASP B 240 -15.75 -36.84 -10.36
CA ASP B 240 -16.34 -37.96 -11.09
C ASP B 240 -17.43 -37.55 -12.07
N GLN B 241 -17.72 -36.25 -12.19
CA GLN B 241 -18.89 -35.78 -12.92
C GLN B 241 -18.50 -35.38 -14.35
N ALA B 242 -19.38 -35.69 -15.29
CA ALA B 242 -19.13 -35.30 -16.68
C ALA B 242 -19.30 -33.79 -16.86
N SER B 243 -18.42 -33.22 -17.68
CA SER B 243 -18.56 -31.84 -18.21
C SER B 243 -18.89 -30.82 -17.11
N VAL B 244 -18.06 -30.79 -16.07
CA VAL B 244 -18.28 -29.86 -14.98
C VAL B 244 -18.01 -28.44 -15.45
N THR B 245 -18.99 -27.55 -15.27
CA THR B 245 -18.91 -26.18 -15.73
C THR B 245 -18.46 -25.26 -14.60
N ARG B 246 -17.99 -24.08 -15.01
CA ARG B 246 -17.62 -23.05 -14.03
C ARG B 246 -18.80 -22.72 -13.13
N GLU B 247 -19.99 -22.60 -13.71
CA GLU B 247 -21.19 -22.29 -12.94
C GLU B 247 -21.44 -23.34 -11.87
N GLU B 248 -21.20 -24.62 -12.19
CA GLU B 248 -21.36 -25.67 -11.19
C GLU B 248 -20.31 -25.57 -10.09
N VAL B 249 -19.06 -25.29 -10.47
CA VAL B 249 -18.00 -25.18 -9.46
C VAL B 249 -18.29 -24.01 -8.52
N VAL B 250 -18.64 -22.85 -9.07
CA VAL B 250 -18.84 -21.67 -8.24
C VAL B 250 -20.06 -21.86 -7.34
N SER B 251 -21.11 -22.49 -7.84
CA SER B 251 -22.33 -22.66 -7.04
CA SER B 251 -22.32 -22.65 -7.03
CA SER B 251 -22.32 -22.67 -7.05
C SER B 251 -22.14 -23.72 -5.97
N GLU B 252 -21.34 -24.75 -6.23
CA GLU B 252 -21.20 -25.84 -5.26
C GLU B 252 -20.03 -25.65 -4.30
N LEU B 253 -18.95 -25.01 -4.74
CA LEU B 253 -17.79 -24.80 -3.88
C LEU B 253 -17.56 -23.34 -3.51
N GLY B 254 -17.92 -22.41 -4.39
CA GLY B 254 -17.75 -21.00 -4.13
C GLY B 254 -16.48 -20.45 -4.77
N ASN B 255 -16.41 -19.12 -4.82
CA ASN B 255 -15.23 -18.41 -5.28
C ASN B 255 -15.03 -17.14 -4.47
N GLY B 256 -15.32 -17.21 -3.17
CA GLY B 256 -15.46 -16.03 -2.34
C GLY B 256 -14.30 -15.76 -1.40
N ILE B 257 -14.50 -14.71 -0.58
CA ILE B 257 -13.48 -14.29 0.37
C ILE B 257 -13.50 -15.12 1.64
N ALA B 258 -14.57 -15.85 1.92
CA ALA B 258 -14.58 -16.74 3.07
C ALA B 258 -13.69 -17.95 2.79
N ALA B 259 -12.97 -18.39 3.81
CA ALA B 259 -12.12 -19.57 3.65
C ALA B 259 -12.91 -20.78 3.16
N PHE B 260 -14.15 -20.94 3.64
CA PHE B 260 -14.98 -22.07 3.26
CA PHE B 260 -14.93 -22.10 3.24
C PHE B 260 -15.37 -22.03 1.79
N GLU B 261 -15.40 -20.83 1.19
CA GLU B 261 -15.79 -20.65 -0.21
C GLU B 261 -14.58 -20.43 -1.11
N SER B 262 -13.38 -20.79 -0.67
CA SER B 262 -12.20 -20.59 -1.49
C SER B 262 -11.13 -21.65 -1.30
N VAL B 263 -10.93 -22.15 -0.08
CA VAL B 263 -9.89 -23.16 0.11
C VAL B 263 -10.27 -24.46 -0.60
N PRO B 264 -11.46 -25.02 -0.37
CA PRO B 264 -11.83 -26.22 -1.15
C PRO B 264 -11.80 -25.96 -2.64
N THR B 265 -12.22 -24.77 -3.08
CA THR B 265 -12.18 -24.45 -4.50
C THR B 265 -10.76 -24.54 -5.05
N ALA B 266 -9.80 -23.99 -4.32
CA ALA B 266 -8.41 -24.07 -4.77
C ALA B 266 -7.93 -25.51 -4.86
N ILE B 267 -8.30 -26.35 -3.88
CA ILE B 267 -7.95 -27.76 -3.91
C ILE B 267 -8.58 -28.45 -5.11
N TYR B 268 -9.86 -28.16 -5.38
CA TYR B 268 -10.49 -28.69 -6.58
C TYR B 268 -9.73 -28.31 -7.84
N CYS B 269 -9.32 -27.05 -7.95
CA CYS B 269 -8.57 -26.63 -9.14
C CYS B 269 -7.30 -27.45 -9.30
N PHE B 270 -6.57 -27.64 -8.20
CA PHE B 270 -5.38 -28.50 -8.25
C PHE B 270 -5.71 -29.91 -8.73
N LEU B 271 -6.72 -30.54 -8.12
CA LEU B 271 -7.01 -31.93 -8.46
C LEU B 271 -7.53 -32.06 -9.88
N ARG B 272 -8.47 -31.19 -10.25
CA ARG B 272 -9.03 -31.24 -11.60
C ARG B 272 -7.94 -31.08 -12.65
N CYS B 273 -7.00 -30.17 -12.42
CA CYS B 273 -6.00 -29.84 -13.41
C CYS B 273 -4.80 -30.79 -13.39
N MET B 274 -4.82 -31.84 -12.56
CA MET B 274 -3.81 -32.88 -12.71
CA MET B 274 -3.82 -32.90 -12.71
C MET B 274 -3.96 -33.60 -14.04
N GLU B 275 -5.13 -33.55 -14.63
CA GLU B 275 -5.41 -34.09 -15.93
C GLU B 275 -5.55 -32.96 -16.95
N PRO B 276 -5.26 -33.24 -18.22
CA PRO B 276 -5.43 -32.21 -19.25
C PRO B 276 -6.88 -31.76 -19.36
N ASP B 277 -7.04 -30.55 -19.89
CA ASP B 277 -8.35 -29.95 -20.13
C ASP B 277 -8.35 -29.50 -21.59
N PRO B 278 -9.18 -30.11 -22.46
CA PRO B 278 -9.18 -29.74 -23.88
C PRO B 278 -9.42 -28.26 -24.12
N GLU B 279 -9.95 -27.56 -23.13
CA GLU B 279 -10.25 -26.14 -23.24
C GLU B 279 -9.05 -25.25 -22.91
N ILE B 280 -7.99 -25.82 -22.34
CA ILE B 280 -6.75 -25.10 -22.11
C ILE B 280 -5.69 -25.74 -23.00
N PRO B 281 -5.04 -24.98 -23.88
CA PRO B 281 -4.10 -25.58 -24.83
C PRO B 281 -3.01 -26.40 -24.14
N SER B 282 -2.62 -27.49 -24.81
CA SER B 282 -1.63 -28.42 -24.26
C SER B 282 -0.24 -27.82 -24.16
N ALA B 283 0.01 -26.70 -24.83
CA ALA B 283 1.29 -26.01 -24.66
C ALA B 283 1.49 -25.54 -23.22
N PHE B 284 0.41 -25.32 -22.48
CA PHE B 284 0.53 -24.95 -21.08
C PHE B 284 0.80 -26.21 -20.25
N ASN B 285 1.73 -26.12 -19.31
CA ASN B 285 2.00 -27.25 -18.44
C ASN B 285 0.94 -27.34 -17.35
N SER B 286 1.10 -28.30 -16.44
CA SER B 286 0.08 -28.54 -15.42
C SER B 286 -0.04 -27.38 -14.44
N LEU B 287 1.08 -26.79 -14.04
CA LEU B 287 1.02 -25.64 -13.13
C LEU B 287 0.33 -24.47 -13.81
N GLN B 288 0.72 -24.17 -15.04
CA GLN B 288 0.06 -23.09 -15.79
C GLN B 288 -1.42 -23.36 -15.94
N ARG B 289 -1.79 -24.58 -16.29
CA ARG B 289 -3.20 -24.93 -16.45
C ARG B 289 -3.98 -24.73 -15.17
N THR B 290 -3.38 -25.11 -14.03
CA THR B 290 -4.03 -24.91 -12.74
C THR B 290 -4.28 -23.45 -12.46
N LEU B 291 -3.28 -22.61 -12.74
CA LEU B 291 -3.45 -21.17 -12.51
C LEU B 291 -4.49 -20.58 -13.44
N ILE B 292 -4.44 -20.93 -14.72
CA ILE B 292 -5.41 -20.41 -15.69
C ILE B 292 -6.81 -20.82 -15.28
N TYR B 293 -7.01 -22.10 -14.96
CA TYR B 293 -8.34 -22.56 -14.60
C TYR B 293 -8.86 -21.85 -13.34
N SER B 294 -8.03 -21.78 -12.31
CA SER B 294 -8.47 -21.14 -11.07
CA SER B 294 -8.44 -21.12 -11.05
C SER B 294 -8.89 -19.70 -11.30
N ILE B 295 -8.11 -18.95 -12.09
CA ILE B 295 -8.46 -17.56 -12.36
C ILE B 295 -9.77 -17.48 -13.15
N SER B 296 -10.02 -18.44 -14.03
CA SER B 296 -11.24 -18.44 -14.83
C SER B 296 -12.50 -18.59 -14.00
N LEU B 297 -12.39 -19.04 -12.74
CA LEU B 297 -13.58 -19.12 -11.89
C LEU B 297 -14.05 -17.77 -11.38
N GLY B 298 -13.23 -16.73 -11.47
CA GLY B 298 -13.64 -15.42 -11.00
C GLY B 298 -13.68 -15.34 -9.49
N GLY B 299 -14.35 -14.28 -9.01
CA GLY B 299 -14.44 -14.08 -7.57
C GLY B 299 -13.11 -13.59 -7.01
N ASP B 300 -12.69 -14.21 -5.91
CA ASP B 300 -11.45 -13.82 -5.21
C ASP B 300 -10.27 -14.50 -5.90
N THR B 301 -9.98 -14.01 -7.10
CA THR B 301 -9.05 -14.68 -8.02
CA THR B 301 -9.05 -14.71 -8.00
C THR B 301 -7.63 -14.72 -7.45
N ASP B 302 -7.17 -13.61 -6.84
CA ASP B 302 -5.79 -13.63 -6.38
C ASP B 302 -5.59 -14.67 -5.28
N THR B 303 -6.59 -14.86 -4.42
CA THR B 303 -6.40 -15.78 -3.30
C THR B 303 -6.66 -17.23 -3.72
N ILE B 304 -7.68 -17.46 -4.53
CA ILE B 304 -7.88 -18.83 -5.00
C ILE B 304 -6.68 -19.29 -5.82
N ALA B 305 -6.16 -18.40 -6.67
CA ALA B 305 -5.01 -18.77 -7.48
C ALA B 305 -3.73 -18.90 -6.65
N THR B 306 -3.52 -18.03 -5.64
CA THR B 306 -2.32 -18.21 -4.82
CA THR B 306 -2.35 -18.20 -4.77
C THR B 306 -2.35 -19.56 -4.12
N MET B 307 -3.53 -19.98 -3.65
CA MET B 307 -3.62 -21.23 -2.91
C MET B 307 -3.48 -22.43 -3.83
N ALA B 308 -4.17 -22.41 -4.98
CA ALA B 308 -4.01 -23.49 -5.95
C ALA B 308 -2.58 -23.54 -6.47
N GLY B 309 -1.97 -22.37 -6.68
CA GLY B 309 -0.60 -22.31 -7.15
C GLY B 309 0.41 -22.81 -6.14
N ALA B 310 0.17 -22.58 -4.85
CA ALA B 310 1.06 -23.13 -3.84
C ALA B 310 1.02 -24.66 -3.85
N ILE B 311 -0.19 -25.23 -3.94
CA ILE B 311 -0.30 -26.70 -3.95
C ILE B 311 0.33 -27.27 -5.21
N ALA B 312 -0.03 -26.70 -6.36
CA ALA B 312 0.49 -27.18 -7.63
C ALA B 312 2.00 -26.99 -7.70
N GLY B 313 2.51 -25.87 -7.20
CA GLY B 313 3.95 -25.66 -7.25
C GLY B 313 4.72 -26.66 -6.41
N ALA B 314 4.18 -26.99 -5.24
CA ALA B 314 4.80 -28.03 -4.42
C ALA B 314 4.74 -29.40 -5.09
N TYR B 315 3.68 -29.66 -5.87
CA TYR B 315 3.47 -30.96 -6.47
C TYR B 315 4.32 -31.13 -7.73
N TYR B 316 4.33 -30.11 -8.60
CA TYR B 316 5.04 -30.20 -9.87
C TYR B 316 6.47 -29.70 -9.81
N GLY B 317 6.80 -28.84 -8.85
CA GLY B 317 8.16 -28.38 -8.66
C GLY B 317 8.56 -27.26 -9.61
N MET B 318 9.82 -26.83 -9.45
CA MET B 318 10.34 -25.69 -10.21
C MET B 318 10.37 -25.96 -11.70
N ASP B 319 10.48 -27.22 -12.12
CA ASP B 319 10.54 -27.53 -13.55
C ASP B 319 9.33 -27.01 -14.30
N GLN B 320 8.19 -26.82 -13.63
CA GLN B 320 7.00 -26.32 -14.29
C GLN B 320 6.76 -24.84 -14.04
N VAL B 321 7.66 -24.16 -13.33
CA VAL B 321 7.55 -22.72 -13.17
C VAL B 321 8.16 -22.04 -14.39
N PRO B 322 7.35 -21.41 -15.25
CA PRO B 322 7.90 -20.82 -16.48
C PRO B 322 8.67 -19.54 -16.15
N GLU B 323 9.89 -19.43 -16.68
CA GLU B 323 10.71 -18.26 -16.38
C GLU B 323 10.02 -16.97 -16.80
N SER B 324 9.34 -16.98 -17.96
CA SER B 324 8.72 -15.74 -18.44
C SER B 324 7.60 -15.28 -17.51
N TRP B 325 6.86 -16.23 -16.92
CA TRP B 325 5.84 -15.86 -15.95
C TRP B 325 6.48 -15.42 -14.64
N GLN B 326 7.40 -16.24 -14.12
CA GLN B 326 8.02 -15.96 -12.83
C GLN B 326 8.71 -14.60 -12.83
N GLN B 327 9.48 -14.32 -13.87
CA GLN B 327 10.24 -13.07 -13.91
C GLN B 327 9.37 -11.85 -14.10
N SER B 328 8.08 -12.02 -14.43
CA SER B 328 7.15 -10.90 -14.46
C SER B 328 6.66 -10.49 -13.08
N CYS B 329 6.96 -11.27 -12.04
CA CYS B 329 6.34 -11.10 -10.73
C CYS B 329 7.24 -10.30 -9.80
N GLU B 330 6.65 -9.28 -9.16
CA GLU B 330 7.35 -8.50 -8.17
C GLU B 330 7.95 -9.39 -7.09
N GLY B 331 9.26 -9.24 -6.88
CA GLY B 331 9.93 -9.95 -5.80
C GLY B 331 10.19 -11.41 -6.04
N TYR B 332 10.16 -11.87 -7.29
CA TYR B 332 10.30 -13.31 -7.50
C TYR B 332 11.64 -13.83 -7.01
N GLU B 333 12.71 -13.02 -7.07
CA GLU B 333 13.99 -13.49 -6.59
C GLU B 333 13.99 -13.63 -5.07
N GLU B 334 13.43 -12.64 -4.37
CA GLU B 334 13.31 -12.75 -2.91
C GLU B 334 12.46 -13.95 -2.53
N THR B 335 11.36 -14.17 -3.24
CA THR B 335 10.52 -15.33 -2.97
C THR B 335 11.34 -16.62 -3.11
N ASP B 336 12.14 -16.72 -4.17
CA ASP B 336 12.95 -17.93 -4.35
C ASP B 336 14.02 -18.07 -3.27
N ILE B 337 14.66 -16.96 -2.89
CA ILE B 337 15.65 -17.02 -1.81
C ILE B 337 14.99 -17.49 -0.51
N LEU B 338 13.78 -17.02 -0.24
CA LEU B 338 13.08 -17.46 0.98
C LEU B 338 12.78 -18.94 0.94
N ALA B 339 12.35 -19.46 -0.22
CA ALA B 339 12.08 -20.89 -0.35
C ALA B 339 13.35 -21.69 -0.10
N GLN B 340 14.47 -21.27 -0.69
CA GLN B 340 15.74 -21.96 -0.48
C GLN B 340 16.20 -21.85 0.96
N SER B 341 15.97 -20.69 1.59
CA SER B 341 16.34 -20.53 3.00
C SER B 341 15.51 -21.46 3.90
N LEU B 342 14.20 -21.59 3.62
CA LEU B 342 13.39 -22.52 4.39
C LEU B 342 13.92 -23.95 4.26
N HIS B 343 14.30 -24.33 3.05
CA HIS B 343 14.85 -25.66 2.85
C HIS B 343 16.15 -25.85 3.62
N ARG B 344 17.03 -24.84 3.61
CA ARG B 344 18.29 -24.95 4.33
C ARG B 344 18.07 -24.99 5.84
N VAL B 345 17.20 -24.10 6.35
CA VAL B 345 17.04 -23.99 7.80
C VAL B 345 16.29 -25.18 8.37
N PHE B 346 15.24 -25.64 7.68
CA PHE B 346 14.32 -26.60 8.26
C PHE B 346 14.42 -28.01 7.71
N GLN B 347 14.98 -28.21 6.52
CA GLN B 347 15.25 -29.56 6.06
C GLN B 347 16.62 -30.08 6.48
N LYS B 348 17.59 -29.18 6.64
CA LYS B 348 18.92 -29.57 7.13
C LYS B 348 19.09 -29.13 8.57
#